data_4D2I
#
_entry.id   4D2I
#
_cell.length_a   150.210
_cell.length_b   150.210
_cell.length_c   140.540
_cell.angle_alpha   90.00
_cell.angle_beta   90.00
_cell.angle_gamma   120.00
#
_symmetry.space_group_name_H-M   'H 3'
#
loop_
_entity.id
_entity.type
_entity.pdbx_description
1 polymer HERA
2 non-polymer 'PHOSPHOAMINOPHOSPHONIC ACID-ADENYLATE ESTER'
3 non-polymer 'MAGNESIUM ION'
4 water water
#
_entity_poly.entity_id   1
_entity_poly.type   'polypeptide(L)'
_entity_poly.pdbx_seq_one_letter_code
;MIIGYVIGQATTQEALILAERPVRLGTYVVLEYDNVKALGLITNVTRGSPLLDDNMNDIEIVQRLKQFNNSIPVYTKAKV
KLLCDMNNHFLMPDIPPFAGTPAREAEDEELKSIYSQDGQIRIGSLIGKNVEVKLNINSFARHLAILAATGSGKSNTVAV
LSQRISELGGSVLIFDYHGEYYDSDIKNLNRIEPKLNPLYMTPREFSTLLEIRENAIIQYRILRRAFIKVTNGIRAALAA
GQIPFSTLNSQFYELMADALETQGNSDKKSSAKDEVLNKFEEFMDRYSNVIDLTSSDIIEKVKRGKVNVVSLTQLDEDSM
DAVVSHYLRRILDSRKDFKRSKNSGLKFPIIAVIEEAHVFLSKNENTLTKYWASRIAREGRKFGVGLTIVSQRPKGLDEN
ILSQMTNKIILKIIEPTDKKYILESSDNLSEDLAEQLSSLDVGEAIIIGKIVKLPAVVKIDMFEGKLLGSDPDMIGEWKK
VAASEKIAKGFADFGTEIGD
;
_entity_poly.pdbx_strand_id   A,B
#
loop_
_chem_comp.id
_chem_comp.type
_chem_comp.name
_chem_comp.formula
ANP non-polymer 'PHOSPHOAMINOPHOSPHONIC ACID-ADENYLATE ESTER' 'C10 H17 N6 O12 P3'
MG non-polymer 'MAGNESIUM ION' 'Mg 2'
#
# COMPACT_ATOMS: atom_id res chain seq x y z
N MET A 1 23.81 34.89 -3.58
CA MET A 1 24.30 34.44 -4.88
C MET A 1 23.22 34.51 -5.95
N ILE A 2 23.42 35.39 -6.93
CA ILE A 2 22.49 35.50 -8.07
C ILE A 2 22.56 34.25 -8.93
N ILE A 3 21.44 33.54 -9.06
CA ILE A 3 21.42 32.32 -9.85
C ILE A 3 20.57 32.48 -11.11
N GLY A 4 19.75 33.52 -11.17
CA GLY A 4 18.92 33.76 -12.33
C GLY A 4 18.18 35.06 -12.33
N TYR A 5 17.44 35.32 -13.41
CA TYR A 5 16.67 36.55 -13.54
C TYR A 5 15.26 36.21 -14.04
N VAL A 6 14.30 37.05 -13.68
CA VAL A 6 12.90 36.83 -14.07
C VAL A 6 12.67 37.14 -15.54
N ILE A 7 12.10 36.18 -16.26
CA ILE A 7 11.77 36.39 -17.65
C ILE A 7 10.28 36.15 -17.91
N GLY A 8 9.76 36.82 -18.93
CA GLY A 8 8.39 36.62 -19.34
C GLY A 8 7.37 37.15 -18.35
N GLN A 9 6.19 36.53 -18.36
CA GLN A 9 5.07 37.00 -17.55
C GLN A 9 5.15 36.50 -16.10
N ALA A 10 4.64 37.31 -15.18
CA ALA A 10 4.66 36.98 -13.77
C ALA A 10 3.44 37.52 -13.06
N THR A 11 2.94 36.75 -12.09
CA THR A 11 1.80 37.19 -11.28
C THR A 11 2.25 37.43 -9.85
N THR A 12 1.30 37.54 -8.93
CA THR A 12 1.61 37.78 -7.53
C THR A 12 1.98 36.50 -6.79
N GLN A 13 1.92 35.35 -7.47
CA GLN A 13 2.28 34.09 -6.84
C GLN A 13 3.00 33.10 -7.76
N GLU A 14 3.40 33.57 -8.93
CA GLU A 14 4.17 32.73 -9.84
C GLU A 14 5.05 33.59 -10.75
N ALA A 15 6.24 33.08 -11.06
CA ALA A 15 7.16 33.76 -11.94
C ALA A 15 8.08 32.78 -12.66
N LEU A 16 8.65 33.21 -13.79
CA LEU A 16 9.57 32.38 -14.56
C LEU A 16 10.97 32.97 -14.56
N ILE A 17 11.98 32.17 -14.24
CA ILE A 17 13.34 32.69 -14.22
C ILE A 17 14.24 31.96 -15.21
N LEU A 18 15.14 32.72 -15.81
CA LEU A 18 16.23 32.15 -16.60
C LEU A 18 17.47 32.08 -15.71
N ALA A 19 18.02 30.88 -15.57
CA ALA A 19 19.11 30.67 -14.59
C ALA A 19 20.49 30.63 -15.23
N GLU A 20 21.48 31.10 -14.49
CA GLU A 20 22.87 31.02 -14.93
C GLU A 20 23.58 29.88 -14.20
N ARG A 21 23.02 29.48 -13.07
CA ARG A 21 23.51 28.35 -12.30
C ARG A 21 22.44 27.26 -12.23
N PRO A 22 22.86 26.00 -12.11
CA PRO A 22 21.91 24.88 -12.01
C PRO A 22 21.04 24.96 -10.75
N VAL A 23 19.72 24.79 -10.92
CA VAL A 23 18.78 24.81 -9.80
C VAL A 23 17.89 23.58 -9.78
N ARG A 24 17.19 23.36 -8.68
CA ARG A 24 16.35 22.17 -8.55
C ARG A 24 15.17 22.37 -7.60
N LEU A 25 14.28 21.39 -7.57
CA LEU A 25 13.13 21.39 -6.67
C LEU A 25 13.57 21.60 -5.23
N GLY A 26 12.82 22.44 -4.52
CA GLY A 26 13.06 22.66 -3.11
C GLY A 26 14.03 23.78 -2.82
N THR A 27 14.54 24.41 -3.88
CA THR A 27 15.43 25.54 -3.73
C THR A 27 14.65 26.83 -3.47
N TYR A 28 14.97 27.49 -2.36
CA TYR A 28 14.32 28.75 -2.02
C TYR A 28 15.13 29.94 -2.54
N VAL A 29 14.41 30.98 -2.96
CA VAL A 29 15.01 32.10 -3.67
C VAL A 29 14.33 33.42 -3.30
N VAL A 30 15.12 34.49 -3.23
CA VAL A 30 14.57 35.82 -2.93
C VAL A 30 14.52 36.70 -4.18
N LEU A 31 13.38 37.36 -4.37
CA LEU A 31 13.19 38.35 -5.43
C LEU A 31 12.94 39.73 -4.82
N GLU A 32 13.90 40.63 -4.93
CA GLU A 32 13.76 41.98 -4.39
C GLU A 32 13.45 43.01 -5.48
N TYR A 33 12.25 43.57 -5.41
CA TYR A 33 11.81 44.58 -6.37
C TYR A 33 10.83 45.51 -5.68
N ASP A 34 10.92 46.80 -5.97
CA ASP A 34 10.20 47.84 -5.25
C ASP A 34 10.51 47.73 -3.76
N ASN A 35 9.46 47.73 -2.94
CA ASN A 35 9.63 47.51 -1.50
C ASN A 35 9.22 46.10 -1.13
N VAL A 36 9.37 45.19 -2.09
CA VAL A 36 8.92 43.81 -1.91
C VAL A 36 10.09 42.85 -1.88
N LYS A 37 10.15 42.06 -0.80
CA LYS A 37 11.14 41.02 -0.65
C LYS A 37 10.44 39.66 -0.79
N ALA A 38 10.26 39.20 -2.03
CA ALA A 38 9.43 38.03 -2.30
C ALA A 38 10.22 36.74 -2.15
N LEU A 39 9.79 35.90 -1.22
CA LEU A 39 10.31 34.56 -1.09
C LEU A 39 9.65 33.65 -2.12
N GLY A 40 10.45 32.93 -2.88
CA GLY A 40 9.94 32.04 -3.89
C GLY A 40 10.50 30.65 -3.77
N LEU A 41 9.75 29.66 -4.23
CA LEU A 41 10.18 28.28 -4.16
C LEU A 41 10.32 27.71 -5.56
N ILE A 42 11.49 27.18 -5.88
CA ILE A 42 11.68 26.58 -7.21
C ILE A 42 10.95 25.25 -7.27
N THR A 43 10.09 25.11 -8.27
CA THR A 43 9.31 23.89 -8.45
C THR A 43 9.77 23.11 -9.69
N ASN A 44 9.28 23.52 -10.86
CA ASN A 44 9.64 22.84 -12.10
C ASN A 44 10.88 23.43 -12.76
N VAL A 45 11.82 22.56 -13.14
CA VAL A 45 13.04 22.99 -13.82
C VAL A 45 13.20 22.25 -15.15
N THR A 46 13.37 23.00 -16.24
CA THR A 46 13.59 22.40 -17.56
C THR A 46 14.87 22.92 -18.21
N ARG A 47 15.46 22.11 -19.10
CA ARG A 47 16.63 22.51 -19.88
C ARG A 47 16.35 22.31 -21.36
N GLY A 48 16.90 23.18 -22.21
CA GLY A 48 16.68 23.07 -23.64
C GLY A 48 17.79 23.69 -24.47
N SER A 49 17.53 23.80 -25.77
CA SER A 49 18.48 24.41 -26.70
C SER A 49 17.77 25.12 -27.85
N PRO A 50 18.18 26.37 -28.13
CA PRO A 50 17.63 27.12 -29.26
C PRO A 50 18.04 26.51 -30.59
N LEU A 51 19.13 25.76 -30.56
CA LEU A 51 19.68 25.17 -31.78
C LEU A 51 19.26 23.70 -31.89
N LEU A 52 19.47 22.96 -30.81
CA LEU A 52 19.09 21.55 -30.77
C LEU A 52 17.76 21.38 -30.07
N ASP A 53 16.70 21.91 -30.67
CA ASP A 53 15.37 21.88 -30.07
C ASP A 53 14.61 20.57 -30.38
N ASP A 54 13.30 20.56 -30.12
CA ASP A 54 12.48 19.36 -30.31
C ASP A 54 12.41 18.92 -31.77
N ASN A 55 12.49 19.86 -32.70
CA ASN A 55 12.33 19.57 -34.12
C ASN A 55 13.66 19.32 -34.84
N MET A 56 14.72 19.16 -34.05
CA MET A 56 16.00 18.76 -34.60
C MET A 56 15.93 17.32 -35.06
N ASN A 57 16.14 17.10 -36.35
CA ASN A 57 15.93 15.78 -36.94
C ASN A 57 17.17 15.16 -37.59
N ASP A 58 18.24 15.94 -37.71
CA ASP A 58 19.45 15.46 -38.36
C ASP A 58 20.51 15.04 -37.34
N ILE A 59 20.76 13.73 -37.25
CA ILE A 59 21.68 13.18 -36.27
C ILE A 59 23.14 13.49 -36.64
N GLU A 60 23.43 13.61 -37.93
CA GLU A 60 24.79 13.85 -38.39
C GLU A 60 25.29 15.26 -38.03
N ILE A 61 24.39 16.23 -38.04
CA ILE A 61 24.72 17.59 -37.64
C ILE A 61 25.13 17.62 -36.17
N VAL A 62 24.40 16.87 -35.36
CA VAL A 62 24.68 16.76 -33.94
C VAL A 62 26.02 16.05 -33.71
N GLN A 63 26.27 14.99 -34.46
CA GLN A 63 27.52 14.25 -34.35
C GLN A 63 28.73 15.14 -34.70
N ARG A 64 28.55 15.99 -35.70
CA ARG A 64 29.59 16.96 -36.06
C ARG A 64 29.80 17.96 -34.94
N LEU A 65 28.70 18.45 -34.37
CA LEU A 65 28.77 19.45 -33.30
C LEU A 65 29.50 18.92 -32.06
N LYS A 66 29.44 17.61 -31.84
CA LYS A 66 30.12 16.98 -30.71
C LYS A 66 31.63 16.93 -30.90
N GLN A 67 32.06 16.82 -32.16
CA GLN A 67 33.48 16.79 -32.48
C GLN A 67 34.17 18.11 -32.07
N PHE A 68 33.38 19.17 -31.97
CA PHE A 68 33.90 20.46 -31.53
C PHE A 68 33.93 20.54 -30.01
N ASN A 69 33.96 21.76 -29.49
CA ASN A 69 34.03 21.98 -28.06
C ASN A 69 33.08 23.08 -27.60
N ASN A 70 32.03 22.68 -26.87
CA ASN A 70 31.02 23.61 -26.35
C ASN A 70 30.45 24.53 -27.41
N SER A 71 30.14 23.95 -28.58
CA SER A 71 29.58 24.70 -29.68
C SER A 71 28.05 24.56 -29.74
N ILE A 72 27.45 24.31 -28.58
CA ILE A 72 26.00 24.14 -28.47
C ILE A 72 25.41 25.03 -27.38
N PRO A 73 24.42 25.87 -27.76
CA PRO A 73 23.80 26.78 -26.77
C PRO A 73 22.67 26.11 -26.00
N VAL A 74 22.73 26.21 -24.68
CA VAL A 74 21.75 25.58 -23.80
C VAL A 74 21.17 26.60 -22.83
N TYR A 75 19.96 26.32 -22.34
CA TYR A 75 19.32 27.18 -21.36
C TYR A 75 18.73 26.38 -20.21
N THR A 76 18.58 27.04 -19.06
CA THR A 76 17.91 26.46 -17.90
C THR A 76 16.79 27.39 -17.44
N LYS A 77 15.57 26.87 -17.39
CA LYS A 77 14.42 27.64 -16.98
C LYS A 77 13.79 27.00 -15.74
N ALA A 78 13.25 27.84 -14.86
CA ALA A 78 12.63 27.31 -13.64
C ALA A 78 11.39 28.09 -13.23
N LYS A 79 10.33 27.38 -12.88
CA LYS A 79 9.12 28.00 -12.37
C LYS A 79 9.30 28.28 -10.88
N VAL A 80 8.82 29.46 -10.46
CA VAL A 80 8.98 29.88 -9.08
C VAL A 80 7.61 30.19 -8.46
N LYS A 81 7.29 29.49 -7.39
CA LYS A 81 6.09 29.79 -6.63
C LYS A 81 6.41 30.89 -5.63
N LEU A 82 5.80 32.07 -5.80
CA LEU A 82 6.01 33.18 -4.88
C LEU A 82 5.22 32.98 -3.57
N LEU A 83 5.94 32.68 -2.50
CA LEU A 83 5.32 32.34 -1.23
C LEU A 83 4.83 33.56 -0.44
N CYS A 84 5.73 34.48 -0.14
CA CYS A 84 5.36 35.64 0.67
C CYS A 84 6.25 36.84 0.42
N ASP A 85 5.92 37.94 1.08
CA ASP A 85 6.72 39.16 1.07
C ASP A 85 7.24 39.40 2.48
N MET A 86 8.55 39.23 2.65
CA MET A 86 9.17 39.30 3.97
C MET A 86 9.17 40.73 4.52
N ASN A 87 8.98 41.71 3.65
CA ASN A 87 8.91 43.10 4.08
C ASN A 87 7.57 43.46 4.71
N ASN A 88 6.48 42.96 4.12
CA ASN A 88 5.15 43.27 4.62
C ASN A 88 4.58 42.16 5.51
N HIS A 89 5.27 41.85 6.60
CA HIS A 89 4.81 40.91 7.62
C HIS A 89 4.42 39.55 7.05
N PHE A 90 5.15 39.11 6.04
CA PHE A 90 4.99 37.78 5.45
C PHE A 90 3.59 37.56 4.87
N LEU A 91 3.05 38.60 4.24
CA LEU A 91 1.80 38.47 3.49
C LEU A 91 2.13 38.14 2.04
N MET A 92 1.11 38.03 1.20
CA MET A 92 1.31 37.80 -0.21
C MET A 92 1.89 39.04 -0.87
N PRO A 93 2.79 38.86 -1.85
CA PRO A 93 3.30 39.96 -2.66
C PRO A 93 2.15 40.68 -3.37
N ASP A 94 2.01 41.99 -3.16
CA ASP A 94 0.87 42.72 -3.69
C ASP A 94 1.12 43.21 -5.12
N ILE A 95 2.30 42.92 -5.65
CA ILE A 95 2.65 43.36 -6.99
C ILE A 95 3.58 42.33 -7.63
N PRO A 96 3.36 41.99 -8.91
CA PRO A 96 4.23 41.03 -9.59
C PRO A 96 5.64 41.56 -9.78
N PRO A 97 6.64 40.67 -9.89
CA PRO A 97 8.02 41.04 -10.17
C PRO A 97 8.26 41.50 -11.61
N PHE A 98 9.03 42.55 -11.80
CA PHE A 98 9.42 43.01 -13.13
C PHE A 98 10.30 41.99 -13.86
N ALA A 99 10.22 41.96 -15.18
CA ALA A 99 11.11 41.13 -15.96
C ALA A 99 12.52 41.67 -15.84
N GLY A 100 13.48 40.78 -15.57
CA GLY A 100 14.85 41.19 -15.35
C GLY A 100 15.18 41.30 -13.87
N THR A 101 14.18 41.07 -13.01
CA THR A 101 14.38 41.06 -11.58
C THR A 101 15.32 39.92 -11.20
N PRO A 102 16.46 40.25 -10.57
CA PRO A 102 17.41 39.20 -10.22
C PRO A 102 16.88 38.27 -9.13
N ALA A 103 17.19 36.98 -9.28
CA ALA A 103 16.78 35.96 -8.31
C ALA A 103 18.01 35.35 -7.64
N ARG A 104 18.10 35.50 -6.31
CA ARG A 104 19.25 35.01 -5.56
C ARG A 104 18.89 33.87 -4.62
N GLU A 105 19.88 33.03 -4.31
CA GLU A 105 19.67 31.97 -3.31
C GLU A 105 19.33 32.58 -1.96
N ALA A 106 18.31 32.04 -1.32
CA ALA A 106 17.90 32.52 0.00
C ALA A 106 19.01 32.31 1.03
N GLU A 107 19.09 33.21 2.00
CA GLU A 107 20.11 33.15 3.03
C GLU A 107 19.68 32.30 4.23
N ASP A 108 20.66 31.69 4.91
CA ASP A 108 20.40 30.87 6.07
C ASP A 108 19.59 31.62 7.12
N GLU A 109 19.94 32.88 7.33
CA GLU A 109 19.26 33.74 8.30
C GLU A 109 17.78 33.90 7.98
N GLU A 110 17.47 34.05 6.69
CA GLU A 110 16.09 34.23 6.25
C GLU A 110 15.28 32.94 6.41
N LEU A 111 15.84 31.83 5.93
CA LEU A 111 15.19 30.53 6.01
C LEU A 111 15.01 30.07 7.46
N LYS A 112 16.02 30.28 8.28
CA LYS A 112 15.95 29.91 9.69
C LYS A 112 14.94 30.79 10.42
N SER A 113 14.75 32.00 9.92
CA SER A 113 13.80 32.93 10.50
C SER A 113 12.37 32.41 10.33
N ILE A 114 12.17 31.66 9.26
CA ILE A 114 10.84 31.18 8.89
C ILE A 114 10.56 29.75 9.37
N TYR A 115 11.56 28.88 9.26
CA TYR A 115 11.35 27.45 9.48
C TYR A 115 11.97 26.90 10.77
N SER A 116 12.67 27.74 11.53
CA SER A 116 13.34 27.25 12.73
C SER A 116 12.82 27.88 14.02
N GLN A 117 12.37 29.12 13.95
CA GLN A 117 12.05 29.88 15.16
C GLN A 117 10.64 29.63 15.71
N ASP A 118 9.68 29.35 14.84
CA ASP A 118 8.32 29.13 15.29
C ASP A 118 8.05 27.67 15.59
N GLY A 119 9.11 26.88 15.62
CA GLY A 119 8.98 25.45 15.81
C GLY A 119 9.81 24.93 16.97
N GLN A 120 9.48 23.73 17.41
CA GLN A 120 10.15 23.11 18.54
C GLN A 120 10.64 21.71 18.17
N ILE A 121 9.80 20.98 17.43
CA ILE A 121 10.14 19.63 17.02
C ILE A 121 10.87 19.63 15.68
N ARG A 122 12.11 19.16 15.67
CA ARG A 122 12.88 19.11 14.45
C ARG A 122 12.52 17.87 13.64
N ILE A 123 12.24 18.07 12.35
CA ILE A 123 11.87 16.99 11.46
C ILE A 123 13.01 16.69 10.50
N GLY A 124 13.85 17.69 10.27
CA GLY A 124 14.97 17.57 9.36
C GLY A 124 15.47 18.92 8.90
N SER A 125 16.01 18.96 7.69
CA SER A 125 16.54 20.20 7.15
C SER A 125 16.04 20.44 5.72
N LEU A 126 16.25 21.64 5.22
CA LEU A 126 15.92 21.97 3.85
C LEU A 126 16.87 21.22 2.92
N ILE A 127 16.49 21.09 1.66
CA ILE A 127 17.32 20.37 0.69
C ILE A 127 18.49 21.22 0.24
N GLY A 128 19.71 20.73 0.50
CA GLY A 128 20.91 21.43 0.08
C GLY A 128 21.40 22.43 1.11
N LYS A 129 20.47 23.11 1.75
CA LYS A 129 20.81 24.13 2.73
C LYS A 129 21.04 23.51 4.11
N ASN A 130 21.74 24.25 4.96
CA ASN A 130 21.96 23.80 6.32
C ASN A 130 21.01 24.51 7.27
N VAL A 131 19.72 24.37 6.99
CA VAL A 131 18.68 25.03 7.78
C VAL A 131 17.73 23.99 8.37
N GLU A 132 17.71 23.90 9.70
CA GLU A 132 16.84 22.94 10.38
C GLU A 132 15.38 23.38 10.30
N VAL A 133 14.50 22.40 10.07
CA VAL A 133 13.07 22.68 10.01
C VAL A 133 12.44 22.22 11.31
N LYS A 134 11.83 23.16 12.04
CA LYS A 134 11.20 22.85 13.31
C LYS A 134 9.69 23.05 13.25
N LEU A 135 8.95 22.07 13.77
CA LEU A 135 7.49 22.12 13.73
C LEU A 135 6.90 22.64 15.03
N ASN A 136 5.82 23.43 14.91
CA ASN A 136 5.10 23.94 16.06
C ASN A 136 4.29 22.83 16.74
N ILE A 137 4.59 22.58 18.01
CA ILE A 137 4.06 21.41 18.70
C ILE A 137 2.56 21.52 19.05
N ASN A 138 2.11 22.70 19.45
CA ASN A 138 0.69 22.88 19.78
C ASN A 138 -0.24 22.68 18.58
N SER A 139 0.29 22.95 17.39
CA SER A 139 -0.47 22.81 16.15
C SER A 139 -0.78 21.35 15.80
N PHE A 140 -0.13 20.41 16.48
CA PHE A 140 -0.39 18.99 16.30
C PHE A 140 -1.82 18.61 16.74
N ALA A 141 -2.45 19.48 17.53
CA ALA A 141 -3.83 19.27 17.95
C ALA A 141 -4.79 19.47 16.77
N ARG A 142 -4.27 20.00 15.67
CA ARG A 142 -5.04 20.19 14.46
C ARG A 142 -4.88 18.99 13.53
N HIS A 143 -4.19 17.96 14.03
CA HIS A 143 -4.10 16.63 13.44
C HIS A 143 -3.19 16.57 12.20
N LEU A 144 -2.68 15.38 11.92
CA LEU A 144 -1.65 15.19 10.90
C LEU A 144 -1.93 14.00 9.99
N ALA A 145 -1.64 14.16 8.71
CA ALA A 145 -1.71 13.07 7.76
C ALA A 145 -0.35 12.90 7.11
N ILE A 146 0.25 11.73 7.32
CA ILE A 146 1.53 11.37 6.69
C ILE A 146 1.27 10.44 5.50
N LEU A 147 1.53 10.94 4.30
CA LEU A 147 1.17 10.22 3.08
C LEU A 147 2.37 10.08 2.14
N ALA A 148 2.54 8.90 1.56
CA ALA A 148 3.66 8.62 0.66
C ALA A 148 3.47 7.30 -0.07
N ALA A 149 4.19 7.09 -1.17
CA ALA A 149 4.20 5.78 -1.81
C ALA A 149 5.02 4.82 -0.96
N THR A 150 4.95 3.52 -1.29
CA THR A 150 5.61 2.49 -0.51
C THR A 150 7.11 2.65 -0.49
N GLY A 151 7.66 2.77 0.72
CA GLY A 151 9.09 2.85 0.93
C GLY A 151 9.68 4.24 0.77
N SER A 152 8.86 5.26 1.00
CA SER A 152 9.30 6.64 0.80
C SER A 152 9.74 7.28 2.11
N GLY A 153 9.28 6.74 3.22
CA GLY A 153 9.73 7.20 4.52
C GLY A 153 8.63 7.67 5.45
N LYS A 154 7.51 6.95 5.45
CA LYS A 154 6.41 7.30 6.33
C LYS A 154 6.75 6.96 7.79
N SER A 155 7.18 5.72 8.02
CA SER A 155 7.44 5.27 9.37
C SER A 155 8.69 5.90 9.99
N ASN A 156 9.65 6.23 9.14
CA ASN A 156 10.83 6.94 9.60
C ASN A 156 10.46 8.33 10.14
N THR A 157 9.52 8.98 9.47
CA THR A 157 8.99 10.26 9.92
C THR A 157 8.30 10.14 11.28
N VAL A 158 7.48 9.10 11.43
CA VAL A 158 6.78 8.86 12.68
C VAL A 158 7.76 8.61 13.82
N ALA A 159 8.81 7.85 13.53
CA ALA A 159 9.81 7.52 14.54
C ALA A 159 10.55 8.78 15.00
N VAL A 160 11.04 9.55 14.05
CA VAL A 160 11.73 10.80 14.37
C VAL A 160 10.84 11.72 15.19
N LEU A 161 9.64 12.00 14.67
CA LEU A 161 8.69 12.88 15.34
C LEU A 161 8.36 12.42 16.76
N SER A 162 8.11 11.12 16.91
CA SER A 162 7.78 10.57 18.21
C SER A 162 8.91 10.75 19.22
N GLN A 163 10.14 10.56 18.75
CA GLN A 163 11.31 10.70 19.62
C GLN A 163 11.51 12.15 20.08
N ARG A 164 11.61 13.08 19.12
CA ARG A 164 11.86 14.48 19.47
C ARG A 164 10.79 15.06 20.39
N ILE A 165 9.53 14.73 20.11
CA ILE A 165 8.42 15.17 20.94
C ILE A 165 8.57 14.66 22.37
N SER A 166 8.87 13.37 22.50
CA SER A 166 9.04 12.76 23.82
C SER A 166 10.20 13.42 24.56
N GLU A 167 11.24 13.78 23.81
CA GLU A 167 12.41 14.47 24.37
C GLU A 167 12.02 15.86 24.86
N LEU A 168 10.96 16.41 24.28
CA LEU A 168 10.49 17.73 24.68
C LEU A 168 9.46 17.59 25.79
N GLY A 169 9.26 16.36 26.26
CA GLY A 169 8.32 16.08 27.33
C GLY A 169 6.92 15.77 26.83
N GLY A 170 6.83 15.37 25.57
CA GLY A 170 5.55 15.04 24.96
C GLY A 170 5.20 13.57 25.03
N SER A 171 3.93 13.26 24.88
CA SER A 171 3.45 11.88 24.97
C SER A 171 2.80 11.45 23.65
N VAL A 172 3.13 10.26 23.20
CA VAL A 172 2.62 9.74 21.93
C VAL A 172 2.09 8.31 22.12
N LEU A 173 0.98 8.00 21.46
CA LEU A 173 0.46 6.63 21.43
C LEU A 173 0.44 6.10 20.00
N ILE A 174 1.38 5.21 19.66
CA ILE A 174 1.44 4.60 18.33
C ILE A 174 0.79 3.21 18.28
N PHE A 175 -0.18 3.03 17.38
CA PHE A 175 -0.76 1.70 17.14
C PHE A 175 0.07 0.99 16.08
N ASP A 176 0.84 0.00 16.52
CA ASP A 176 1.84 -0.62 15.66
C ASP A 176 1.28 -1.81 14.88
N TYR A 177 1.07 -1.60 13.58
CA TYR A 177 0.47 -2.61 12.73
C TYR A 177 1.45 -3.78 12.47
N HIS A 178 2.68 -3.44 12.11
CA HIS A 178 3.67 -4.42 11.70
C HIS A 178 4.72 -4.73 12.77
N GLY A 179 4.58 -4.07 13.91
CA GLY A 179 5.52 -4.26 15.01
C GLY A 179 6.86 -3.59 14.76
N GLU A 180 6.85 -2.45 14.06
CA GLU A 180 8.08 -1.78 13.66
C GLU A 180 8.72 -0.96 14.78
N TYR A 181 7.90 -0.35 15.63
CA TYR A 181 8.38 0.49 16.71
C TYR A 181 8.50 -0.30 18.00
N TYR A 182 7.74 -1.39 18.07
CA TYR A 182 7.63 -2.20 19.28
C TYR A 182 8.95 -2.92 19.55
N ASP A 183 9.62 -3.33 18.47
CA ASP A 183 10.88 -4.05 18.59
C ASP A 183 12.06 -3.21 18.14
N SER A 184 11.95 -1.89 18.33
CA SER A 184 13.03 -0.98 17.93
C SER A 184 13.78 -0.46 19.15
N ASP A 185 14.93 0.15 18.90
CA ASP A 185 15.73 0.73 19.97
C ASP A 185 15.43 2.22 20.13
N ILE A 186 14.19 2.60 19.81
CA ILE A 186 13.74 3.98 19.96
C ILE A 186 13.74 4.39 21.43
N LYS A 187 14.10 5.65 21.67
CA LYS A 187 14.23 6.15 23.03
C LYS A 187 12.88 6.52 23.63
N ASN A 188 12.78 6.41 24.94
CA ASN A 188 11.55 6.69 25.69
C ASN A 188 10.41 5.74 25.31
N LEU A 189 10.78 4.55 24.84
CA LEU A 189 9.81 3.54 24.42
C LEU A 189 8.98 3.01 25.58
N ASN A 190 7.67 2.90 25.38
CA ASN A 190 6.79 2.31 26.38
C ASN A 190 5.87 1.26 25.77
N ARG A 191 6.23 -0.01 25.93
CA ARG A 191 5.51 -1.10 25.27
C ARG A 191 4.17 -1.41 25.92
N ILE A 192 3.12 -1.50 25.10
CA ILE A 192 1.77 -1.80 25.58
C ILE A 192 1.16 -2.95 24.79
N GLU A 193 0.68 -3.96 25.50
CA GLU A 193 0.02 -5.10 24.87
C GLU A 193 -1.47 -4.83 24.68
N PRO A 194 -2.05 -5.35 23.58
CA PRO A 194 -3.47 -5.15 23.26
C PRO A 194 -4.42 -6.00 24.10
N LYS A 195 -5.09 -5.37 25.05
CA LYS A 195 -6.05 -6.04 25.91
C LYS A 195 -7.38 -5.32 25.91
N LEU A 196 -8.45 -6.10 25.89
CA LEU A 196 -9.80 -5.56 26.01
C LEU A 196 -10.39 -5.96 27.34
N ASN A 197 -10.53 -5.01 28.25
CA ASN A 197 -11.12 -5.29 29.55
C ASN A 197 -12.52 -4.70 29.66
N PRO A 198 -13.54 -5.58 29.69
CA PRO A 198 -14.95 -5.20 29.83
C PRO A 198 -15.25 -4.44 31.11
N LEU A 199 -14.36 -4.53 32.10
CA LEU A 199 -14.54 -3.82 33.36
C LEU A 199 -14.27 -2.34 33.18
N TYR A 200 -13.63 -1.98 32.07
CA TYR A 200 -13.36 -0.58 31.75
C TYR A 200 -14.08 -0.14 30.49
N MET A 201 -15.08 -0.93 30.08
CA MET A 201 -15.93 -0.61 28.95
C MET A 201 -17.28 -0.07 29.40
N THR A 202 -17.95 0.64 28.50
CA THR A 202 -19.31 1.08 28.74
C THR A 202 -20.29 0.13 28.06
N PRO A 203 -21.52 0.04 28.58
CA PRO A 203 -22.52 -0.83 27.94
C PRO A 203 -22.75 -0.46 26.48
N ARG A 204 -22.68 0.83 26.15
CA ARG A 204 -22.76 1.30 24.77
C ARG A 204 -21.65 0.65 23.94
N GLU A 205 -20.43 0.72 24.47
CA GLU A 205 -19.26 0.19 23.78
C GLU A 205 -19.32 -1.32 23.61
N PHE A 206 -19.73 -2.00 24.68
CA PHE A 206 -19.83 -3.46 24.66
C PHE A 206 -20.89 -3.88 23.66
N SER A 207 -21.92 -3.05 23.52
CA SER A 207 -22.99 -3.33 22.57
C SER A 207 -22.52 -3.19 21.13
N THR A 208 -21.71 -2.16 20.89
CA THR A 208 -21.18 -1.88 19.55
C THR A 208 -20.24 -3.01 19.09
N LEU A 209 -19.48 -3.55 20.05
CA LEU A 209 -18.58 -4.66 19.75
C LEU A 209 -19.35 -5.92 19.40
N LEU A 210 -20.49 -6.12 20.05
CA LEU A 210 -21.34 -7.27 19.77
C LEU A 210 -22.21 -7.05 18.55
N GLU A 211 -21.96 -5.96 17.83
CA GLU A 211 -22.74 -5.56 16.65
C GLU A 211 -24.21 -5.38 17.01
N ILE A 212 -24.45 -4.77 18.16
CA ILE A 212 -25.80 -4.50 18.63
C ILE A 212 -26.02 -3.00 18.71
N ARG A 213 -26.85 -2.49 17.82
CA ARG A 213 -27.21 -1.08 17.79
C ARG A 213 -27.91 -0.67 19.09
N GLU A 214 -27.70 0.57 19.53
CA GLU A 214 -28.32 1.03 20.76
C GLU A 214 -29.79 1.36 20.52
N ASN A 215 -30.12 1.76 19.29
CA ASN A 215 -31.51 2.03 18.93
C ASN A 215 -32.32 0.72 18.82
N ALA A 216 -31.63 -0.41 18.84
CA ALA A 216 -32.29 -1.71 18.93
C ALA A 216 -32.62 -1.92 20.40
N ILE A 217 -33.74 -1.35 20.82
CA ILE A 217 -34.09 -1.22 22.23
C ILE A 217 -34.29 -2.56 22.99
N ILE A 218 -34.91 -3.55 22.34
CA ILE A 218 -35.11 -4.84 22.99
C ILE A 218 -33.78 -5.53 23.31
N GLN A 219 -32.94 -5.71 22.30
CA GLN A 219 -31.64 -6.35 22.49
C GLN A 219 -30.73 -5.56 23.42
N TYR A 220 -30.74 -4.24 23.29
CA TYR A 220 -29.87 -3.40 24.11
C TYR A 220 -30.26 -3.45 25.58
N ARG A 221 -31.57 -3.54 25.85
CA ARG A 221 -32.06 -3.66 27.21
C ARG A 221 -31.54 -4.93 27.87
N ILE A 222 -31.74 -6.05 27.19
CA ILE A 222 -31.26 -7.34 27.67
C ILE A 222 -29.77 -7.28 27.96
N LEU A 223 -29.04 -6.70 27.02
CA LEU A 223 -27.58 -6.62 27.10
C LEU A 223 -27.11 -5.67 28.21
N ARG A 224 -27.71 -4.49 28.28
CA ARG A 224 -27.26 -3.50 29.27
C ARG A 224 -27.51 -3.97 30.69
N ARG A 225 -28.69 -4.52 30.95
CA ARG A 225 -29.02 -5.05 32.27
C ARG A 225 -28.03 -6.16 32.65
N ALA A 226 -27.87 -7.12 31.74
CA ALA A 226 -26.95 -8.23 31.96
C ALA A 226 -25.52 -7.75 32.20
N PHE A 227 -25.02 -6.88 31.32
CA PHE A 227 -23.64 -6.41 31.37
C PHE A 227 -23.34 -5.65 32.68
N ILE A 228 -24.25 -4.76 33.05
CA ILE A 228 -24.11 -4.03 34.31
C ILE A 228 -24.16 -4.99 35.49
N LYS A 229 -25.10 -5.93 35.44
CA LYS A 229 -25.27 -6.94 36.49
C LYS A 229 -24.00 -7.77 36.70
N VAL A 230 -23.47 -8.34 35.62
CA VAL A 230 -22.29 -9.20 35.71
C VAL A 230 -21.03 -8.43 36.12
N THR A 231 -20.84 -7.25 35.56
CA THR A 231 -19.66 -6.44 35.91
C THR A 231 -19.68 -6.04 37.37
N ASN A 232 -20.83 -5.55 37.83
CA ASN A 232 -21.03 -5.21 39.23
C ASN A 232 -20.80 -6.42 40.16
N GLY A 233 -21.34 -7.55 39.76
CA GLY A 233 -21.18 -8.79 40.51
C GLY A 233 -19.74 -9.22 40.61
N ILE A 234 -18.99 -9.06 39.53
CA ILE A 234 -17.58 -9.45 39.51
C ILE A 234 -16.77 -8.52 40.40
N ARG A 235 -17.02 -7.22 40.31
CA ARG A 235 -16.29 -6.24 41.11
C ARG A 235 -16.56 -6.42 42.60
N ALA A 236 -17.82 -6.68 42.94
CA ALA A 236 -18.19 -6.95 44.32
C ALA A 236 -17.52 -8.23 44.82
N ALA A 237 -17.45 -9.22 43.93
CA ALA A 237 -16.81 -10.49 44.24
C ALA A 237 -15.29 -10.35 44.44
N LEU A 238 -14.69 -9.41 43.72
CA LEU A 238 -13.27 -9.14 43.86
C LEU A 238 -12.98 -8.41 45.18
N ALA A 239 -13.90 -7.54 45.57
CA ALA A 239 -13.78 -6.83 46.84
C ALA A 239 -14.01 -7.77 48.01
N ALA A 240 -14.92 -8.73 47.81
CA ALA A 240 -15.22 -9.74 48.82
C ALA A 240 -14.14 -10.82 48.82
N GLY A 241 -13.39 -10.90 47.72
CA GLY A 241 -12.33 -11.89 47.60
C GLY A 241 -12.85 -13.27 47.25
N GLN A 242 -13.92 -13.32 46.46
CA GLN A 242 -14.54 -14.60 46.12
C GLN A 242 -14.35 -14.96 44.65
N ILE A 243 -13.49 -14.23 43.95
CA ILE A 243 -13.12 -14.56 42.58
C ILE A 243 -11.61 -14.44 42.38
N PRO A 244 -10.94 -15.58 42.18
CA PRO A 244 -9.50 -15.62 41.87
C PRO A 244 -9.22 -15.17 40.45
N PHE A 245 -8.11 -14.45 40.24
CA PHE A 245 -7.74 -13.98 38.91
C PHE A 245 -7.38 -15.14 37.98
N SER A 246 -6.99 -16.27 38.56
CA SER A 246 -6.71 -17.48 37.79
C SER A 246 -7.94 -17.89 36.98
N THR A 247 -9.11 -17.68 37.57
CA THR A 247 -10.40 -17.93 36.91
C THR A 247 -11.26 -16.68 36.96
N LEU A 248 -11.10 -15.80 35.97
CA LEU A 248 -11.85 -14.54 35.92
C LEU A 248 -12.46 -14.31 34.53
N ASN A 249 -11.73 -14.72 33.50
CA ASN A 249 -12.23 -14.67 32.13
C ASN A 249 -13.32 -15.70 31.89
N SER A 250 -13.03 -16.95 32.28
CA SER A 250 -13.99 -18.04 32.11
C SER A 250 -15.28 -17.78 32.87
N GLN A 251 -15.14 -17.27 34.09
CA GLN A 251 -16.31 -16.95 34.89
C GLN A 251 -17.15 -15.86 34.22
N PHE A 252 -16.48 -14.89 33.64
CA PHE A 252 -17.15 -13.79 32.92
C PHE A 252 -17.94 -14.32 31.73
N TYR A 253 -17.41 -15.35 31.08
CA TYR A 253 -18.10 -15.98 29.96
C TYR A 253 -19.40 -16.64 30.42
N GLU A 254 -19.30 -17.48 31.45
CA GLU A 254 -20.45 -18.22 31.95
C GLU A 254 -21.47 -17.32 32.65
N LEU A 255 -20.98 -16.31 33.38
CA LEU A 255 -21.87 -15.38 34.07
C LEU A 255 -22.72 -14.58 33.08
N MET A 256 -22.08 -14.03 32.06
CA MET A 256 -22.80 -13.32 31.01
C MET A 256 -23.73 -14.26 30.25
N ALA A 257 -23.27 -15.50 30.04
CA ALA A 257 -24.05 -16.50 29.32
C ALA A 257 -25.26 -16.92 30.14
N ASP A 258 -25.17 -16.76 31.46
CA ASP A 258 -26.28 -17.08 32.34
C ASP A 258 -27.26 -15.92 32.45
N ALA A 259 -26.71 -14.70 32.61
CA ALA A 259 -27.52 -13.50 32.77
C ALA A 259 -28.36 -13.17 31.53
N LEU A 260 -27.97 -13.72 30.38
CA LEU A 260 -28.73 -13.54 29.14
C LEU A 260 -29.80 -14.63 29.01
N LYS A 273 -33.58 -12.80 23.18
CA LYS A 273 -32.53 -13.42 23.96
C LYS A 273 -31.55 -14.20 23.08
N ASP A 274 -32.05 -14.75 21.98
CA ASP A 274 -31.22 -15.56 21.11
C ASP A 274 -30.28 -14.74 20.22
N GLU A 275 -30.70 -13.54 19.83
CA GLU A 275 -29.84 -12.68 19.02
C GLU A 275 -28.69 -12.13 19.86
N VAL A 276 -28.99 -11.74 21.10
CA VAL A 276 -27.95 -11.27 22.00
C VAL A 276 -26.99 -12.40 22.33
N LEU A 277 -27.53 -13.59 22.53
CA LEU A 277 -26.71 -14.75 22.85
C LEU A 277 -25.80 -15.12 21.68
N ASN A 278 -26.35 -15.12 20.48
CA ASN A 278 -25.57 -15.43 19.27
C ASN A 278 -24.42 -14.45 19.07
N LYS A 279 -24.72 -13.17 19.19
CA LYS A 279 -23.70 -12.13 19.01
C LYS A 279 -22.68 -12.14 20.15
N PHE A 280 -23.10 -12.53 21.35
CA PHE A 280 -22.18 -12.60 22.48
C PHE A 280 -21.17 -13.74 22.32
N GLU A 281 -21.67 -14.91 21.92
CA GLU A 281 -20.80 -16.06 21.68
C GLU A 281 -19.84 -15.80 20.53
N GLU A 282 -20.34 -15.19 19.47
CA GLU A 282 -19.51 -14.80 18.34
C GLU A 282 -18.46 -13.79 18.78
N PHE A 283 -18.85 -12.90 19.69
CA PHE A 283 -17.94 -11.91 20.25
C PHE A 283 -16.78 -12.57 20.99
N MET A 284 -17.08 -13.63 21.75
CA MET A 284 -16.05 -14.31 22.52
C MET A 284 -15.19 -15.26 21.68
N ASP A 285 -15.70 -15.67 20.53
CA ASP A 285 -14.93 -16.49 19.61
C ASP A 285 -14.01 -15.60 18.79
N ARG A 286 -14.56 -14.48 18.32
CA ARG A 286 -13.84 -13.57 17.45
C ARG A 286 -12.78 -12.76 18.20
N TYR A 287 -13.06 -12.41 19.45
CA TYR A 287 -12.13 -11.61 20.23
C TYR A 287 -11.52 -12.36 21.43
N SER A 288 -11.42 -13.68 21.34
CA SER A 288 -10.92 -14.49 22.44
C SER A 288 -9.49 -14.15 22.83
N ASN A 289 -8.65 -13.89 21.83
CA ASN A 289 -7.24 -13.63 22.03
C ASN A 289 -6.92 -12.25 22.61
N VAL A 290 -7.95 -11.46 22.91
CA VAL A 290 -7.77 -10.09 23.34
C VAL A 290 -8.37 -9.78 24.70
N ILE A 291 -9.50 -10.42 25.01
CA ILE A 291 -10.24 -10.15 26.23
C ILE A 291 -9.47 -10.56 27.48
N ASP A 292 -9.32 -9.62 28.40
CA ASP A 292 -8.57 -9.85 29.63
C ASP A 292 -9.08 -8.93 30.73
N LEU A 293 -9.74 -9.53 31.72
CA LEU A 293 -10.27 -8.77 32.85
C LEU A 293 -9.19 -8.51 33.90
N THR A 294 -8.02 -9.11 33.70
CA THR A 294 -6.90 -8.93 34.61
C THR A 294 -6.12 -7.67 34.24
N SER A 295 -6.19 -7.30 32.97
CA SER A 295 -5.46 -6.15 32.46
C SER A 295 -6.01 -4.82 32.97
N SER A 296 -5.11 -3.88 33.25
CA SER A 296 -5.50 -2.57 33.74
C SER A 296 -5.98 -1.69 32.59
N ASP A 297 -6.58 -0.55 32.92
CA ASP A 297 -7.08 0.37 31.91
C ASP A 297 -5.92 0.97 31.11
N ILE A 298 -6.18 1.29 29.85
CA ILE A 298 -5.16 1.84 28.97
C ILE A 298 -4.61 3.16 29.50
N ILE A 299 -5.46 3.89 30.24
CA ILE A 299 -5.09 5.19 30.78
C ILE A 299 -3.96 5.07 31.80
N GLU A 300 -3.96 3.97 32.54
CA GLU A 300 -2.92 3.71 33.52
C GLU A 300 -1.66 3.20 32.83
N LYS A 301 -1.83 2.56 31.68
CA LYS A 301 -0.72 1.96 30.96
C LYS A 301 0.03 3.01 30.12
N VAL A 302 -0.62 4.15 29.87
CA VAL A 302 -0.01 5.22 29.09
C VAL A 302 0.85 6.11 29.98
N LYS A 303 2.12 6.29 29.59
CA LYS A 303 3.07 7.08 30.36
C LYS A 303 3.41 8.42 29.69
N ARG A 304 3.59 9.45 30.51
CA ARG A 304 3.94 10.78 30.02
C ARG A 304 5.41 10.90 29.64
N GLY A 305 5.69 11.63 28.57
CA GLY A 305 7.05 11.84 28.13
C GLY A 305 7.65 10.59 27.52
N LYS A 306 6.79 9.62 27.25
CA LYS A 306 7.26 8.35 26.72
C LYS A 306 6.66 8.11 25.34
N VAL A 307 7.36 7.37 24.49
CA VAL A 307 6.76 6.96 23.22
C VAL A 307 6.01 5.66 23.47
N ASN A 308 4.73 5.78 23.83
CA ASN A 308 3.90 4.61 24.10
C ASN A 308 3.52 3.90 22.80
N VAL A 309 3.84 2.62 22.70
CA VAL A 309 3.53 1.85 21.49
C VAL A 309 2.69 0.61 21.77
N VAL A 310 1.51 0.54 21.15
CA VAL A 310 0.67 -0.64 21.24
C VAL A 310 0.96 -1.60 20.09
N SER A 311 1.27 -2.84 20.42
CA SER A 311 1.59 -3.85 19.41
C SER A 311 0.35 -4.51 18.86
N LEU A 312 0.11 -4.36 17.57
CA LEU A 312 -1.00 -5.05 16.92
C LEU A 312 -0.47 -6.18 16.06
N THR A 313 0.77 -6.58 16.35
CA THR A 313 1.58 -7.46 15.50
C THR A 313 1.01 -8.88 15.32
N GLN A 314 0.33 -9.41 16.33
CA GLN A 314 -0.19 -10.77 16.21
C GLN A 314 -1.71 -10.80 16.32
N LEU A 315 -2.35 -9.74 15.85
CA LEU A 315 -3.81 -9.64 15.86
C LEU A 315 -4.38 -9.67 14.45
N ASP A 316 -5.66 -10.01 14.34
CA ASP A 316 -6.33 -10.01 13.05
C ASP A 316 -7.05 -8.68 12.83
N GLU A 317 -7.64 -8.54 11.64
CA GLU A 317 -8.34 -7.31 11.21
C GLU A 317 -9.39 -6.85 12.21
N ASP A 318 -10.24 -7.77 12.65
CA ASP A 318 -11.32 -7.45 13.57
C ASP A 318 -10.79 -7.07 14.96
N SER A 319 -9.84 -7.86 15.46
CA SER A 319 -9.24 -7.62 16.77
C SER A 319 -8.56 -6.27 16.82
N MET A 320 -7.87 -5.93 15.74
CA MET A 320 -7.22 -4.64 15.60
C MET A 320 -8.24 -3.52 15.75
N ASP A 321 -9.31 -3.61 14.98
CA ASP A 321 -10.34 -2.58 14.99
C ASP A 321 -10.92 -2.36 16.39
N ALA A 322 -11.17 -3.47 17.10
CA ALA A 322 -11.75 -3.41 18.44
C ALA A 322 -10.82 -2.79 19.48
N VAL A 323 -9.54 -3.13 19.42
CA VAL A 323 -8.55 -2.62 20.37
C VAL A 323 -8.30 -1.14 20.18
N VAL A 324 -8.04 -0.72 18.93
CA VAL A 324 -7.73 0.66 18.62
C VAL A 324 -8.92 1.57 18.95
N SER A 325 -10.11 1.17 18.52
CA SER A 325 -11.31 1.94 18.82
C SER A 325 -11.52 2.09 20.32
N HIS A 326 -11.25 1.03 21.08
CA HIS A 326 -11.42 1.09 22.53
C HIS A 326 -10.47 2.10 23.15
N TYR A 327 -9.19 2.02 22.78
CA TYR A 327 -8.17 2.90 23.32
C TYR A 327 -8.42 4.34 22.90
N LEU A 328 -8.87 4.53 21.67
CA LEU A 328 -9.23 5.87 21.19
C LEU A 328 -10.37 6.44 22.02
N ARG A 329 -11.42 5.63 22.21
CA ARG A 329 -12.57 6.03 22.99
C ARG A 329 -12.16 6.35 24.43
N ARG A 330 -11.35 5.49 25.03
CA ARG A 330 -10.91 5.67 26.41
C ARG A 330 -10.09 6.93 26.59
N ILE A 331 -9.17 7.16 25.66
CA ILE A 331 -8.36 8.38 25.66
C ILE A 331 -9.22 9.63 25.60
N LEU A 332 -10.15 9.66 24.65
CA LEU A 332 -11.00 10.82 24.44
C LEU A 332 -11.89 11.11 25.65
N ASP A 333 -12.54 10.07 26.17
CA ASP A 333 -13.41 10.25 27.33
C ASP A 333 -12.63 10.68 28.58
N SER A 334 -11.44 10.13 28.75
CA SER A 334 -10.58 10.47 29.88
C SER A 334 -10.09 11.91 29.83
N ARG A 335 -9.64 12.33 28.66
CA ARG A 335 -9.19 13.70 28.49
C ARG A 335 -10.33 14.70 28.71
N LYS A 336 -11.54 14.32 28.31
CA LYS A 336 -12.71 15.14 28.57
C LYS A 336 -12.95 15.27 30.08
N ASP A 337 -12.91 14.13 30.77
CA ASP A 337 -13.10 14.10 32.22
C ASP A 337 -12.08 14.96 32.95
N PHE A 338 -10.86 15.02 32.42
CA PHE A 338 -9.81 15.81 33.04
C PHE A 338 -10.01 17.31 32.87
N LYS A 339 -10.55 17.70 31.72
CA LYS A 339 -10.85 19.11 31.46
C LYS A 339 -11.99 19.58 32.36
N ARG A 340 -12.87 18.66 32.72
CA ARG A 340 -14.03 18.96 33.55
C ARG A 340 -13.74 19.01 35.03
N SER A 341 -13.03 18.00 35.53
CA SER A 341 -12.86 17.83 36.97
C SER A 341 -11.48 18.28 37.44
N LYS A 342 -10.48 18.08 36.57
CA LYS A 342 -9.08 18.43 36.85
C LYS A 342 -8.47 17.59 37.98
N ASN A 343 -9.21 16.60 38.47
CA ASN A 343 -8.70 15.70 39.50
C ASN A 343 -8.85 14.24 39.12
N SER A 344 -9.14 13.98 37.84
CA SER A 344 -9.33 12.62 37.36
C SER A 344 -9.18 12.54 35.84
N GLY A 345 -8.82 11.37 35.33
CA GLY A 345 -8.68 11.20 33.90
C GLY A 345 -7.23 11.34 33.48
N LEU A 346 -6.98 11.31 32.17
CA LEU A 346 -5.63 11.44 31.66
C LEU A 346 -5.11 12.85 31.89
N LYS A 347 -4.06 12.97 32.71
CA LYS A 347 -3.59 14.28 33.17
C LYS A 347 -2.76 15.03 32.13
N PHE A 348 -2.30 14.34 31.09
CA PHE A 348 -1.46 14.95 30.07
C PHE A 348 -2.03 14.76 28.66
N PRO A 349 -1.75 15.71 27.76
CA PRO A 349 -2.16 15.63 26.36
C PRO A 349 -1.45 14.51 25.61
N ILE A 350 -2.14 13.88 24.67
CA ILE A 350 -1.60 12.74 23.94
C ILE A 350 -1.84 12.86 22.44
N ILE A 351 -0.98 12.25 21.64
CA ILE A 351 -1.14 12.21 20.20
C ILE A 351 -1.23 10.77 19.69
N ALA A 352 -2.41 10.39 19.24
CA ALA A 352 -2.63 9.04 18.75
C ALA A 352 -2.24 8.89 17.29
N VAL A 353 -1.44 7.87 16.99
CA VAL A 353 -0.95 7.62 15.62
C VAL A 353 -1.47 6.30 15.08
N ILE A 354 -2.24 6.37 13.99
CA ILE A 354 -2.81 5.19 13.37
C ILE A 354 -2.04 4.79 12.11
N GLU A 355 -1.20 3.77 12.23
CA GLU A 355 -0.49 3.24 11.07
C GLU A 355 -1.44 2.42 10.19
N GLU A 356 -1.12 2.33 8.90
CA GLU A 356 -1.91 1.56 7.93
C GLU A 356 -3.37 2.00 7.96
N ALA A 357 -3.58 3.32 8.00
CA ALA A 357 -4.88 3.90 8.30
C ALA A 357 -5.95 3.56 7.26
N HIS A 358 -5.52 3.24 6.05
CA HIS A 358 -6.46 2.89 4.97
C HIS A 358 -7.15 1.56 5.21
N VAL A 359 -6.64 0.78 6.17
CA VAL A 359 -7.26 -0.48 6.56
C VAL A 359 -8.44 -0.21 7.49
N PHE A 360 -8.32 0.85 8.28
CA PHE A 360 -9.35 1.24 9.25
C PHE A 360 -10.29 2.33 8.75
N LEU A 361 -9.80 3.20 7.85
CA LEU A 361 -10.50 4.45 7.58
C LEU A 361 -11.13 4.58 6.19
N SER A 362 -11.35 3.47 5.51
CA SER A 362 -12.01 3.47 4.19
C SER A 362 -13.42 4.02 4.31
N LYS A 363 -13.90 4.67 3.24
CA LYS A 363 -15.22 5.27 3.24
C LYS A 363 -16.29 4.24 2.88
N ASN A 364 -15.93 3.26 2.07
CA ASN A 364 -16.86 2.21 1.66
C ASN A 364 -16.99 1.11 2.72
N GLU A 365 -16.40 1.33 3.89
CA GLU A 365 -16.47 0.40 5.01
C GLU A 365 -16.77 1.15 6.29
N ASN A 366 -17.43 0.49 7.22
CA ASN A 366 -17.77 1.11 8.50
C ASN A 366 -17.19 0.34 9.68
N THR A 367 -15.99 0.75 10.09
CA THR A 367 -15.31 0.15 11.23
C THR A 367 -15.55 0.98 12.48
N LEU A 368 -15.13 0.45 13.62
CA LEU A 368 -15.30 1.15 14.89
C LEU A 368 -14.25 2.23 15.04
N THR A 369 -13.04 1.95 14.54
CA THR A 369 -11.95 2.93 14.58
C THR A 369 -12.27 4.21 13.80
N LYS A 370 -12.92 4.08 12.64
CA LYS A 370 -13.26 5.23 11.82
C LYS A 370 -14.19 6.19 12.56
N TYR A 371 -15.12 5.65 13.34
CA TYR A 371 -16.01 6.48 14.14
C TYR A 371 -15.23 7.30 15.16
N TRP A 372 -14.32 6.65 15.87
CA TRP A 372 -13.61 7.32 16.96
C TRP A 372 -12.43 8.15 16.46
N ALA A 373 -11.94 7.81 15.28
CA ALA A 373 -10.97 8.66 14.61
C ALA A 373 -11.64 9.97 14.22
N SER A 374 -12.85 9.88 13.67
CA SER A 374 -13.63 11.07 13.31
C SER A 374 -13.98 11.94 14.51
N ARG A 375 -14.34 11.29 15.62
CA ARG A 375 -14.63 12.02 16.85
C ARG A 375 -13.45 12.86 17.30
N ILE A 376 -12.28 12.23 17.37
CA ILE A 376 -11.06 12.90 17.79
C ILE A 376 -10.70 14.00 16.80
N ALA A 377 -11.05 13.79 15.54
CA ALA A 377 -10.76 14.76 14.49
C ALA A 377 -11.58 16.04 14.70
N ARG A 378 -12.74 15.91 15.33
N ARG A 378 -12.75 15.90 15.31
CA ARG A 378 -13.62 17.06 15.54
CA ARG A 378 -13.62 17.05 15.53
C ARG A 378 -13.54 17.60 16.96
C ARG A 378 -13.48 17.61 16.95
N GLU A 379 -13.21 16.74 17.92
CA GLU A 379 -13.16 17.16 19.31
C GLU A 379 -11.76 17.25 19.87
N GLY A 380 -10.87 16.39 19.36
CA GLY A 380 -9.57 16.17 19.97
C GLY A 380 -8.80 17.42 20.36
N ARG A 381 -8.95 18.48 19.57
CA ARG A 381 -8.28 19.74 19.85
C ARG A 381 -8.71 20.33 21.20
N LYS A 382 -9.98 20.16 21.56
CA LYS A 382 -10.51 20.75 22.78
C LYS A 382 -10.04 20.02 24.04
N PHE A 383 -9.59 18.79 23.86
CA PHE A 383 -9.21 17.96 24.99
C PHE A 383 -7.74 17.56 24.95
N GLY A 384 -6.97 18.19 24.06
CA GLY A 384 -5.55 17.91 23.98
C GLY A 384 -5.23 16.54 23.39
N VAL A 385 -6.08 16.07 22.49
CA VAL A 385 -5.85 14.80 21.82
C VAL A 385 -5.60 15.02 20.34
N GLY A 386 -4.34 14.86 19.92
CA GLY A 386 -3.99 15.02 18.51
C GLY A 386 -4.01 13.67 17.82
N LEU A 387 -4.38 13.67 16.54
CA LEU A 387 -4.45 12.41 15.79
C LEU A 387 -3.56 12.47 14.56
N THR A 388 -2.84 11.38 14.34
CA THR A 388 -1.98 11.26 13.17
C THR A 388 -2.30 9.98 12.40
N ILE A 389 -2.63 10.12 11.12
CA ILE A 389 -2.92 8.95 10.30
C ILE A 389 -1.86 8.78 9.22
N VAL A 390 -1.40 7.53 9.05
CA VAL A 390 -0.32 7.21 8.12
C VAL A 390 -0.74 6.16 7.10
N SER A 391 -0.61 6.48 5.82
CA SER A 391 -1.03 5.56 4.76
C SER A 391 -0.34 5.82 3.43
N GLN A 392 -0.41 4.84 2.54
CA GLN A 392 0.19 4.96 1.23
C GLN A 392 -0.87 5.10 0.15
N ARG A 393 -2.12 4.85 0.53
CA ARG A 393 -3.23 5.03 -0.41
C ARG A 393 -4.19 6.11 0.08
N PRO A 394 -3.93 7.36 -0.31
CA PRO A 394 -4.75 8.51 0.09
C PRO A 394 -6.22 8.37 -0.33
N LYS A 395 -6.48 7.86 -1.53
CA LYS A 395 -7.85 7.76 -2.02
C LYS A 395 -8.65 6.67 -1.32
N GLY A 396 -7.96 5.89 -0.48
CA GLY A 396 -8.61 4.87 0.34
C GLY A 396 -8.85 5.35 1.76
N LEU A 397 -8.78 6.67 1.95
CA LEU A 397 -9.07 7.28 3.24
C LEU A 397 -10.33 8.13 3.10
N ASP A 398 -11.21 8.05 4.08
CA ASP A 398 -12.46 8.78 4.08
C ASP A 398 -12.20 10.30 3.90
N GLU A 399 -12.92 10.91 2.97
CA GLU A 399 -12.78 12.33 2.68
C GLU A 399 -12.97 13.19 3.92
N ASN A 400 -13.93 12.80 4.75
CA ASN A 400 -14.27 13.58 5.94
C ASN A 400 -13.18 13.52 6.99
N ILE A 401 -12.44 12.42 7.03
CA ILE A 401 -11.36 12.30 8.00
C ILE A 401 -10.09 12.96 7.45
N LEU A 402 -9.84 12.78 6.16
CA LEU A 402 -8.63 13.32 5.55
C LEU A 402 -8.68 14.85 5.46
N SER A 403 -9.88 15.39 5.30
CA SER A 403 -10.05 16.83 5.16
C SER A 403 -9.91 17.58 6.48
N GLN A 404 -10.03 16.86 7.59
CA GLN A 404 -9.88 17.44 8.92
C GLN A 404 -8.44 17.33 9.39
N MET A 405 -7.61 16.64 8.60
CA MET A 405 -6.18 16.61 8.86
C MET A 405 -5.52 17.88 8.33
N THR A 406 -5.48 18.91 9.16
CA THR A 406 -4.93 20.21 8.81
C THR A 406 -3.46 20.13 8.39
N ASN A 407 -2.66 19.45 9.18
CA ASN A 407 -1.25 19.30 8.89
C ASN A 407 -0.98 18.09 8.02
N LYS A 408 -0.09 18.24 7.03
CA LYS A 408 0.18 17.14 6.13
C LYS A 408 1.66 17.06 5.78
N ILE A 409 2.27 15.93 6.09
CA ILE A 409 3.63 15.64 5.67
C ILE A 409 3.55 14.66 4.50
N ILE A 410 3.68 15.20 3.30
CA ILE A 410 3.49 14.43 2.08
C ILE A 410 4.83 14.13 1.44
N LEU A 411 5.20 12.86 1.41
CA LEU A 411 6.39 12.46 0.69
C LEU A 411 5.96 12.04 -0.72
N LYS A 412 6.77 11.21 -1.39
CA LYS A 412 6.54 10.95 -2.83
C LYS A 412 5.20 10.28 -3.14
N ILE A 413 4.41 10.96 -3.95
CA ILE A 413 3.17 10.43 -4.50
C ILE A 413 3.26 10.56 -6.01
N ILE A 414 3.21 9.42 -6.71
CA ILE A 414 3.33 9.46 -8.17
C ILE A 414 2.00 9.18 -8.85
N GLU A 415 1.05 8.61 -8.11
CA GLU A 415 -0.27 8.32 -8.64
C GLU A 415 -1.10 9.61 -8.66
N PRO A 416 -1.48 10.06 -9.86
CA PRO A 416 -2.16 11.35 -10.08
C PRO A 416 -3.54 11.52 -9.41
N THR A 417 -4.37 10.48 -9.39
CA THR A 417 -5.67 10.60 -8.72
C THR A 417 -5.50 10.68 -7.21
N ASP A 418 -4.40 10.13 -6.71
CA ASP A 418 -4.06 10.30 -5.30
C ASP A 418 -3.69 11.75 -4.99
N LYS A 419 -2.90 12.38 -5.85
CA LYS A 419 -2.55 13.80 -5.70
C LYS A 419 -3.80 14.67 -5.62
N LYS A 420 -4.70 14.49 -6.59
CA LYS A 420 -5.96 15.23 -6.64
C LYS A 420 -6.79 14.97 -5.39
N TYR A 421 -6.72 13.74 -4.89
CA TYR A 421 -7.49 13.36 -3.72
C TYR A 421 -7.00 14.11 -2.49
N ILE A 422 -5.68 14.27 -2.38
CA ILE A 422 -5.11 15.01 -1.27
C ILE A 422 -5.44 16.51 -1.42
N LEU A 423 -5.43 16.99 -2.65
CA LEU A 423 -5.73 18.39 -2.94
C LEU A 423 -7.14 18.77 -2.53
N GLU A 424 -8.09 17.89 -2.82
CA GLU A 424 -9.50 18.16 -2.52
C GLU A 424 -9.83 17.87 -1.06
N SER A 425 -8.87 17.27 -0.37
CA SER A 425 -9.01 17.04 1.07
C SER A 425 -8.12 17.98 1.86
N SER A 426 -7.47 18.91 1.16
CA SER A 426 -6.67 19.95 1.78
C SER A 426 -7.24 21.31 1.45
N ASP A 427 -7.12 22.25 2.38
CA ASP A 427 -7.54 23.63 2.10
C ASP A 427 -6.33 24.56 1.99
N ASN A 428 -5.13 23.98 2.14
CA ASN A 428 -3.91 24.77 2.14
C ASN A 428 -2.83 24.19 1.23
N LEU A 429 -3.23 23.35 0.30
CA LEU A 429 -2.30 22.80 -0.69
C LEU A 429 -2.64 23.35 -2.08
N SER A 430 -1.63 23.87 -2.74
CA SER A 430 -1.83 24.42 -4.08
C SER A 430 -1.49 23.36 -5.12
N GLU A 431 -2.15 23.45 -6.27
CA GLU A 431 -2.01 22.44 -7.32
C GLU A 431 -0.60 22.38 -7.90
N ASP A 432 0.09 23.51 -7.94
CA ASP A 432 1.43 23.55 -8.50
C ASP A 432 2.44 22.90 -7.53
N LEU A 433 2.12 22.91 -6.24
CA LEU A 433 2.92 22.20 -5.24
C LEU A 433 2.66 20.69 -5.30
N ALA A 434 1.40 20.35 -5.55
CA ALA A 434 0.99 18.96 -5.65
C ALA A 434 1.54 18.30 -6.92
N GLU A 435 1.81 19.10 -7.95
CA GLU A 435 2.32 18.57 -9.20
C GLU A 435 3.77 18.09 -9.10
N GLN A 436 4.48 18.50 -8.05
CA GLN A 436 5.87 18.13 -7.92
C GLN A 436 6.11 17.04 -6.89
N LEU A 437 5.02 16.42 -6.42
CA LEU A 437 5.10 15.34 -5.45
C LEU A 437 5.78 14.08 -6.02
N SER A 438 5.72 13.94 -7.35
CA SER A 438 6.30 12.78 -8.03
C SER A 438 7.81 12.93 -8.20
N SER A 439 8.31 14.15 -8.07
CA SER A 439 9.74 14.40 -8.18
C SER A 439 10.44 14.30 -6.83
N LEU A 440 9.68 14.03 -5.78
CA LEU A 440 10.25 13.87 -4.44
C LEU A 440 11.06 12.59 -4.33
N ASP A 441 12.02 12.59 -3.41
CA ASP A 441 12.89 11.44 -3.22
C ASP A 441 12.60 10.78 -1.88
N VAL A 442 13.24 9.64 -1.63
CA VAL A 442 13.03 8.94 -0.38
C VAL A 442 13.51 9.79 0.80
N GLY A 443 12.59 10.14 1.69
CA GLY A 443 12.96 10.94 2.84
C GLY A 443 12.65 12.42 2.64
N GLU A 444 12.35 12.80 1.40
CA GLU A 444 11.99 14.17 1.08
C GLU A 444 10.47 14.34 1.16
N ALA A 445 10.02 15.53 1.57
CA ALA A 445 8.59 15.76 1.76
C ALA A 445 8.21 17.22 1.59
N ILE A 446 6.94 17.41 1.21
CA ILE A 446 6.30 18.71 1.25
C ILE A 446 5.45 18.78 2.52
N ILE A 447 5.78 19.72 3.40
CA ILE A 447 5.11 19.83 4.68
C ILE A 447 4.20 21.06 4.72
N ILE A 448 2.91 20.84 4.88
CA ILE A 448 1.94 21.94 4.94
C ILE A 448 1.12 21.85 6.23
N GLY A 449 0.45 22.94 6.56
CA GLY A 449 -0.34 23.01 7.78
C GLY A 449 0.20 24.08 8.71
N LYS A 450 -0.38 24.17 9.90
CA LYS A 450 0.03 25.17 10.88
C LYS A 450 1.29 24.75 11.63
N ILE A 451 1.77 23.53 11.39
CA ILE A 451 3.01 23.07 11.99
C ILE A 451 4.20 23.80 11.39
N VAL A 452 3.96 24.43 10.24
CA VAL A 452 4.97 25.28 9.60
C VAL A 452 4.35 26.65 9.36
N LYS A 453 5.20 27.66 9.16
CA LYS A 453 4.72 29.01 8.88
C LYS A 453 4.42 29.18 7.39
N LEU A 454 5.21 28.51 6.57
CA LEU A 454 5.02 28.49 5.12
C LEU A 454 5.24 27.08 4.61
N PRO A 455 4.65 26.73 3.46
CA PRO A 455 4.89 25.41 2.87
C PRO A 455 6.36 25.06 2.76
N ALA A 456 6.76 23.92 3.32
CA ALA A 456 8.17 23.57 3.44
C ALA A 456 8.56 22.30 2.69
N VAL A 457 9.54 22.42 1.79
CA VAL A 457 10.15 21.26 1.16
C VAL A 457 11.34 20.85 1.99
N VAL A 458 11.27 19.65 2.56
CA VAL A 458 12.18 19.25 3.63
C VAL A 458 12.84 17.90 3.37
N LYS A 459 14.11 17.79 3.75
CA LYS A 459 14.74 16.48 3.84
C LYS A 459 14.62 15.97 5.29
N ILE A 460 13.84 14.91 5.47
CA ILE A 460 13.58 14.36 6.81
C ILE A 460 14.77 13.55 7.33
N ASP A 461 15.15 13.80 8.57
CA ASP A 461 16.27 13.08 9.18
C ASP A 461 16.03 11.60 9.22
N MET A 462 17.11 10.83 9.03
CA MET A 462 17.01 9.39 9.16
C MET A 462 17.00 9.07 10.65
N PHE A 463 16.02 8.27 11.06
CA PHE A 463 15.90 7.82 12.45
C PHE A 463 17.23 7.23 12.92
N GLU A 464 17.78 7.80 13.97
CA GLU A 464 19.11 7.41 14.46
C GLU A 464 19.15 5.97 14.96
N GLY A 465 17.98 5.39 15.19
CA GLY A 465 17.89 4.00 15.60
C GLY A 465 17.74 3.08 14.40
N LYS A 466 16.99 2.01 14.61
CA LYS A 466 16.77 0.99 13.59
C LYS A 466 15.43 0.30 13.86
N LEU A 467 14.44 0.59 13.01
CA LEU A 467 13.12 -0.03 13.14
C LEU A 467 13.15 -1.46 12.57
N LEU A 468 12.38 -2.34 13.21
CA LEU A 468 12.31 -3.74 12.78
C LEU A 468 11.67 -3.86 11.41
N GLY A 469 12.19 -4.78 10.61
CA GLY A 469 11.64 -5.05 9.29
C GLY A 469 10.21 -5.53 9.36
N SER A 470 9.48 -5.36 8.27
CA SER A 470 8.09 -5.77 8.21
C SER A 470 7.96 -7.01 7.33
N ASP A 471 8.93 -7.20 6.45
CA ASP A 471 8.94 -8.35 5.55
C ASP A 471 9.63 -9.54 6.19
N PRO A 472 8.89 -10.65 6.38
CA PRO A 472 9.40 -11.88 6.97
C PRO A 472 10.11 -12.77 5.96
N ASP A 473 10.82 -13.78 6.44
CA ASP A 473 11.45 -14.75 5.57
C ASP A 473 10.38 -15.63 4.90
N MET A 474 10.29 -15.53 3.57
CA MET A 474 9.27 -16.26 2.83
C MET A 474 9.76 -17.61 2.33
N ILE A 475 10.87 -18.08 2.90
CA ILE A 475 11.37 -19.42 2.59
C ILE A 475 11.36 -20.27 3.84
N GLY A 476 11.98 -19.77 4.91
CA GLY A 476 12.05 -20.47 6.18
C GLY A 476 13.35 -21.21 6.38
N MET B 1 28.42 2.02 -26.38
CA MET B 1 27.98 2.29 -27.74
C MET B 1 26.97 3.44 -27.76
N ILE B 2 27.36 4.56 -28.36
CA ILE B 2 26.48 5.71 -28.52
C ILE B 2 25.35 5.41 -29.49
N ILE B 3 24.11 5.51 -29.03
CA ILE B 3 22.97 5.25 -29.89
C ILE B 3 22.17 6.52 -30.19
N GLY B 4 22.42 7.59 -29.43
CA GLY B 4 21.75 8.85 -29.68
C GLY B 4 22.23 10.00 -28.81
N TYR B 5 21.65 11.18 -29.04
CA TYR B 5 21.98 12.37 -28.27
C TYR B 5 20.69 13.08 -27.83
N VAL B 6 20.77 13.81 -26.71
CA VAL B 6 19.62 14.50 -26.17
C VAL B 6 19.28 15.73 -27.01
N ILE B 7 18.02 15.84 -27.42
CA ILE B 7 17.55 17.01 -28.14
C ILE B 7 16.34 17.64 -27.45
N GLY B 8 16.17 18.94 -27.62
CA GLY B 8 15.01 19.63 -27.09
C GLY B 8 14.93 19.73 -25.58
N GLN B 9 13.72 19.76 -25.05
CA GLN B 9 13.50 19.98 -23.64
C GLN B 9 13.72 18.71 -22.83
N ALA B 10 14.18 18.88 -21.59
CA ALA B 10 14.45 17.75 -20.71
C ALA B 10 14.17 18.13 -19.27
N THR B 11 13.59 17.20 -18.52
CA THR B 11 13.32 17.43 -17.12
C THR B 11 14.17 16.50 -16.27
N THR B 12 13.85 16.41 -14.99
CA THR B 12 14.59 15.55 -14.09
C THR B 12 14.12 14.10 -14.18
N GLN B 13 13.10 13.84 -14.99
CA GLN B 13 12.61 12.48 -15.15
C GLN B 13 12.12 12.13 -16.55
N GLU B 14 12.40 12.99 -17.52
CA GLU B 14 12.06 12.70 -18.91
C GLU B 14 12.97 13.47 -19.87
N ALA B 15 13.32 12.85 -20.99
CA ALA B 15 14.16 13.50 -22.01
C ALA B 15 13.84 12.96 -23.39
N LEU B 16 14.22 13.73 -24.42
CA LEU B 16 14.00 13.34 -25.80
C LEU B 16 15.33 13.06 -26.49
N ILE B 17 15.39 11.93 -27.18
CA ILE B 17 16.62 11.50 -27.83
C ILE B 17 16.46 11.41 -29.34
N LEU B 18 17.48 11.87 -30.07
CA LEU B 18 17.57 11.60 -31.50
C LEU B 18 18.53 10.44 -31.69
N ALA B 19 18.07 9.36 -32.31
CA ALA B 19 18.86 8.12 -32.35
C ALA B 19 19.57 7.91 -33.68
N GLU B 20 20.75 7.28 -33.61
CA GLU B 20 21.51 6.90 -34.81
C GLU B 20 21.35 5.41 -35.07
N ARG B 21 21.01 4.67 -34.02
CA ARG B 21 20.72 3.24 -34.12
C ARG B 21 19.27 2.95 -33.74
N PRO B 22 18.70 1.87 -34.29
CA PRO B 22 17.33 1.51 -33.93
C PRO B 22 17.18 1.18 -32.44
N VAL B 23 16.16 1.76 -31.81
CA VAL B 23 15.89 1.52 -30.39
C VAL B 23 14.43 1.10 -30.18
N ARG B 24 14.13 0.59 -29.00
CA ARG B 24 12.76 0.12 -28.70
C ARG B 24 12.44 0.20 -27.21
N LEU B 25 11.16 -0.04 -26.90
CA LEU B 25 10.68 -0.07 -25.52
C LEU B 25 11.52 -1.05 -24.71
N GLY B 26 11.87 -0.67 -23.49
CA GLY B 26 12.58 -1.56 -22.61
C GLY B 26 14.08 -1.50 -22.73
N THR B 27 14.58 -0.67 -23.64
CA THR B 27 16.02 -0.47 -23.79
C THR B 27 16.54 0.51 -22.73
N TYR B 28 17.52 0.06 -21.96
CA TYR B 28 18.10 0.91 -20.93
C TYR B 28 19.31 1.68 -21.46
N VAL B 29 19.47 2.90 -20.97
CA VAL B 29 20.45 3.83 -21.53
C VAL B 29 21.11 4.66 -20.43
N VAL B 30 22.38 4.97 -20.62
CA VAL B 30 23.10 5.82 -19.68
C VAL B 30 23.32 7.22 -20.25
N LEU B 31 23.01 8.23 -19.43
CA LEU B 31 23.28 9.62 -19.77
C LEU B 31 24.30 10.21 -18.80
N GLU B 32 25.52 10.43 -19.29
CA GLU B 32 26.57 11.02 -18.46
C GLU B 32 26.79 12.49 -18.80
N TYR B 33 26.48 13.35 -17.83
CA TYR B 33 26.63 14.79 -17.99
C TYR B 33 26.87 15.40 -16.61
N ASP B 34 27.74 16.40 -16.54
CA ASP B 34 28.19 16.95 -15.25
C ASP B 34 28.72 15.83 -14.37
N ASN B 35 28.22 15.75 -13.14
CA ASN B 35 28.57 14.65 -12.24
C ASN B 35 27.41 13.64 -12.14
N VAL B 36 26.61 13.56 -13.20
CA VAL B 36 25.42 12.71 -13.20
C VAL B 36 25.52 11.55 -14.19
N LYS B 37 25.35 10.34 -13.69
CA LYS B 37 25.32 9.14 -14.54
C LYS B 37 23.90 8.58 -14.56
N ALA B 38 23.05 9.13 -15.42
CA ALA B 38 21.61 8.88 -15.39
C ALA B 38 21.15 7.63 -16.15
N LEU B 39 20.54 6.70 -15.42
CA LEU B 39 19.91 5.55 -16.04
C LEU B 39 18.53 5.93 -16.58
N GLY B 40 18.31 5.66 -17.87
CA GLY B 40 17.05 6.00 -18.50
C GLY B 40 16.44 4.84 -19.26
N LEU B 41 15.12 4.85 -19.36
CA LEU B 41 14.41 3.77 -20.03
C LEU B 41 13.67 4.28 -21.25
N ILE B 42 13.95 3.69 -22.41
CA ILE B 42 13.30 4.09 -23.64
C ILE B 42 11.86 3.56 -23.68
N THR B 43 10.90 4.45 -23.88
CA THR B 43 9.49 4.08 -23.90
C THR B 43 8.91 4.18 -25.32
N ASN B 44 8.53 5.39 -25.72
CA ASN B 44 7.93 5.61 -27.04
C ASN B 44 8.95 5.97 -28.13
N VAL B 45 8.86 5.29 -29.27
CA VAL B 45 9.76 5.53 -30.38
C VAL B 45 9.00 5.89 -31.66
N THR B 46 9.36 7.01 -32.26
CA THR B 46 8.69 7.45 -33.48
C THR B 46 9.71 7.66 -34.61
N ARG B 47 9.24 7.54 -35.85
CA ARG B 47 10.09 7.81 -37.02
C ARG B 47 9.41 8.82 -37.93
N GLY B 48 10.20 9.66 -38.58
CA GLY B 48 9.66 10.67 -39.48
C GLY B 48 10.59 11.13 -40.57
N SER B 49 10.18 12.15 -41.31
CA SER B 49 10.99 12.72 -42.38
C SER B 49 10.72 14.21 -42.57
N PRO B 50 11.78 15.01 -42.68
CA PRO B 50 11.67 16.44 -42.98
C PRO B 50 11.17 16.69 -44.41
N LEU B 51 11.35 15.70 -45.29
CA LEU B 51 10.99 15.85 -46.70
C LEU B 51 9.62 15.21 -47.01
N LEU B 52 9.45 13.96 -46.61
CA LEU B 52 8.19 13.26 -46.83
C LEU B 52 7.33 13.27 -45.56
N ASP B 53 6.86 14.45 -45.16
CA ASP B 53 6.10 14.60 -43.92
C ASP B 53 4.61 14.27 -44.10
N ASP B 54 3.81 14.62 -43.09
CA ASP B 54 2.39 14.31 -43.07
C ASP B 54 1.62 15.00 -44.19
N ASN B 55 2.11 16.16 -44.61
CA ASN B 55 1.40 16.97 -45.59
C ASN B 55 1.85 16.72 -47.03
N MET B 56 2.64 15.67 -47.22
CA MET B 56 3.08 15.27 -48.55
C MET B 56 1.89 14.73 -49.36
N ASN B 57 1.60 15.38 -50.49
CA ASN B 57 0.39 15.05 -51.24
C ASN B 57 0.62 14.59 -52.69
N ASP B 58 1.85 14.72 -53.17
CA ASP B 58 2.14 14.35 -54.56
C ASP B 58 2.82 12.99 -54.61
N ILE B 59 2.08 11.99 -55.08
CA ILE B 59 2.57 10.61 -55.13
C ILE B 59 3.63 10.45 -56.22
N GLU B 60 3.54 11.25 -57.27
CA GLU B 60 4.48 11.17 -58.39
C GLU B 60 5.88 11.60 -57.97
N ILE B 61 5.95 12.59 -57.08
CA ILE B 61 7.23 13.04 -56.53
C ILE B 61 7.93 11.96 -55.72
N VAL B 62 7.15 11.24 -54.91
CA VAL B 62 7.69 10.17 -54.09
C VAL B 62 8.22 9.02 -54.96
N GLN B 63 7.45 8.69 -56.00
CA GLN B 63 7.81 7.64 -56.94
C GLN B 63 9.11 7.95 -57.69
N ARG B 64 9.30 9.23 -58.00
CA ARG B 64 10.54 9.67 -58.65
C ARG B 64 11.73 9.48 -57.71
N LEU B 65 11.56 9.86 -56.45
CA LEU B 65 12.61 9.74 -55.45
C LEU B 65 13.04 8.30 -55.22
N LYS B 66 12.12 7.37 -55.45
CA LYS B 66 12.38 5.96 -55.26
C LYS B 66 13.36 5.44 -56.32
N GLN B 67 13.27 6.00 -57.52
CA GLN B 67 14.17 5.64 -58.62
C GLN B 67 15.63 5.98 -58.31
N PHE B 68 15.83 6.93 -57.38
CA PHE B 68 17.18 7.32 -56.98
C PHE B 68 17.73 6.41 -55.88
N ASN B 69 18.71 6.91 -55.14
CA ASN B 69 19.35 6.13 -54.09
C ASN B 69 19.54 6.92 -52.80
N ASN B 70 18.77 6.53 -51.77
CA ASN B 70 18.84 7.16 -50.45
C ASN B 70 18.75 8.67 -50.49
N SER B 71 17.83 9.19 -51.30
CA SER B 71 17.66 10.63 -51.43
C SER B 71 16.53 11.13 -50.55
N ILE B 72 16.27 10.40 -49.47
CA ILE B 72 15.22 10.80 -48.52
C ILE B 72 15.76 10.81 -47.09
N PRO B 73 15.67 11.95 -46.42
CA PRO B 73 16.17 12.08 -45.04
C PRO B 73 15.14 11.62 -44.01
N VAL B 74 15.56 10.75 -43.10
CA VAL B 74 14.67 10.19 -42.10
C VAL B 74 15.25 10.38 -40.70
N TYR B 75 14.38 10.42 -39.70
CA TYR B 75 14.84 10.53 -38.33
C TYR B 75 14.15 9.52 -37.42
N THR B 76 14.82 9.21 -36.32
CA THR B 76 14.27 8.35 -35.29
C THR B 76 14.35 9.05 -33.95
N LYS B 77 13.21 9.23 -33.30
CA LYS B 77 13.14 9.90 -32.00
C LYS B 77 12.58 8.96 -30.95
N ALA B 78 13.09 9.07 -29.73
CA ALA B 78 12.62 8.22 -28.64
C ALA B 78 12.58 8.98 -27.31
N LYS B 79 11.47 8.84 -26.59
CA LYS B 79 11.35 9.43 -25.26
C LYS B 79 12.02 8.53 -24.24
N VAL B 80 12.72 9.15 -23.29
CA VAL B 80 13.45 8.41 -22.28
C VAL B 80 12.99 8.78 -20.87
N LYS B 81 12.56 7.77 -20.13
CA LYS B 81 12.21 7.96 -18.73
C LYS B 81 13.47 7.87 -17.88
N LEU B 82 13.85 8.99 -17.28
CA LEU B 82 15.04 9.05 -16.42
C LEU B 82 14.76 8.37 -15.08
N LEU B 83 15.35 7.21 -14.89
CA LEU B 83 15.08 6.40 -13.70
C LEU B 83 15.84 6.87 -12.47
N CYS B 84 17.17 6.88 -12.56
CA CYS B 84 18.00 7.26 -11.41
C CYS B 84 19.38 7.78 -11.79
N ASP B 85 20.13 8.18 -10.77
CA ASP B 85 21.51 8.62 -10.95
C ASP B 85 22.46 7.65 -10.27
N MET B 86 23.18 6.87 -11.07
CA MET B 86 24.01 5.80 -10.54
C MET B 86 25.24 6.31 -9.79
N ASN B 87 25.60 7.56 -10.05
CA ASN B 87 26.71 8.18 -9.32
C ASN B 87 26.28 8.60 -7.92
N ASN B 88 25.07 9.14 -7.82
CA ASN B 88 24.56 9.64 -6.55
C ASN B 88 23.65 8.65 -5.82
N HIS B 89 24.19 7.47 -5.54
CA HIS B 89 23.50 6.45 -4.75
C HIS B 89 22.12 6.07 -5.30
N PHE B 90 21.99 6.11 -6.62
CA PHE B 90 20.78 5.66 -7.31
C PHE B 90 19.54 6.42 -6.85
N LEU B 91 19.70 7.72 -6.64
CA LEU B 91 18.56 8.60 -6.39
C LEU B 91 18.09 9.19 -7.70
N MET B 92 17.09 10.06 -7.64
CA MET B 92 16.62 10.75 -8.84
C MET B 92 17.66 11.73 -9.33
N PRO B 93 17.80 11.87 -10.66
CA PRO B 93 18.66 12.91 -11.24
C PRO B 93 18.18 14.30 -10.81
N ASP B 94 19.04 15.05 -10.15
CA ASP B 94 18.65 16.33 -9.56
C ASP B 94 18.74 17.49 -10.56
N ILE B 95 19.17 17.18 -11.77
CA ILE B 95 19.34 18.20 -12.81
C ILE B 95 19.07 17.60 -14.18
N PRO B 96 18.35 18.34 -15.05
CA PRO B 96 18.06 17.79 -16.38
C PRO B 96 19.32 17.66 -17.24
N PRO B 97 19.30 16.73 -18.21
CA PRO B 97 20.41 16.58 -19.16
C PRO B 97 20.46 17.71 -20.20
N PHE B 98 21.68 18.17 -20.50
CA PHE B 98 21.88 19.18 -21.54
C PHE B 98 21.54 18.61 -22.91
N ALA B 99 21.06 19.47 -23.81
CA ALA B 99 20.85 19.05 -25.19
C ALA B 99 22.22 18.77 -25.82
N GLY B 100 22.34 17.63 -26.49
CA GLY B 100 23.61 17.23 -27.06
C GLY B 100 24.33 16.23 -26.17
N THR B 101 23.72 15.91 -25.01
CA THR B 101 24.25 14.88 -24.14
C THR B 101 24.15 13.51 -24.83
N PRO B 102 25.30 12.84 -24.99
CA PRO B 102 25.30 11.54 -25.66
C PRO B 102 24.62 10.44 -24.82
N ALA B 103 23.90 9.56 -25.51
CA ALA B 103 23.21 8.46 -24.86
C ALA B 103 23.80 7.13 -25.28
N ARG B 104 24.32 6.37 -24.31
CA ARG B 104 24.96 5.09 -24.64
C ARG B 104 24.14 3.94 -24.08
N GLU B 105 24.28 2.77 -24.72
CA GLU B 105 23.66 1.57 -24.20
C GLU B 105 24.22 1.27 -22.82
N ALA B 106 23.33 0.96 -21.87
CA ALA B 106 23.76 0.59 -20.52
C ALA B 106 24.56 -0.71 -20.58
N GLU B 107 25.55 -0.83 -19.71
CA GLU B 107 26.42 -2.01 -19.72
C GLU B 107 25.81 -3.13 -18.90
N ASP B 108 26.09 -4.36 -19.30
CA ASP B 108 25.56 -5.53 -18.63
C ASP B 108 25.87 -5.53 -17.14
N GLU B 109 27.10 -5.15 -16.79
CA GLU B 109 27.54 -5.12 -15.41
C GLU B 109 26.69 -4.18 -14.56
N GLU B 110 26.31 -3.05 -15.15
CA GLU B 110 25.50 -2.04 -14.47
C GLU B 110 24.07 -2.51 -14.24
N LEU B 111 23.46 -3.03 -15.29
CA LEU B 111 22.10 -3.55 -15.22
C LEU B 111 22.02 -4.74 -14.25
N LYS B 112 23.04 -5.58 -14.28
CA LYS B 112 23.10 -6.74 -13.38
C LYS B 112 23.28 -6.30 -11.93
N SER B 113 23.89 -5.13 -11.75
CA SER B 113 24.09 -4.57 -10.42
C SER B 113 22.76 -4.15 -9.79
N ILE B 114 21.80 -3.79 -10.63
CA ILE B 114 20.50 -3.31 -10.17
C ILE B 114 19.43 -4.39 -10.10
N TYR B 115 19.39 -5.26 -11.10
CA TYR B 115 18.27 -6.20 -11.23
C TYR B 115 18.60 -7.64 -10.86
N SER B 116 19.85 -7.91 -10.50
CA SER B 116 20.25 -9.29 -10.18
C SER B 116 20.71 -9.48 -8.73
N GLN B 117 21.25 -8.43 -8.11
CA GLN B 117 21.88 -8.58 -6.80
C GLN B 117 20.90 -8.55 -5.65
N ASP B 118 19.83 -7.76 -5.77
CA ASP B 118 18.85 -7.64 -4.69
C ASP B 118 17.72 -8.66 -4.80
N GLY B 119 17.90 -9.65 -5.68
CA GLY B 119 16.86 -10.63 -5.92
C GLY B 119 17.29 -12.06 -5.77
N GLN B 120 16.33 -12.97 -5.68
CA GLN B 120 16.63 -14.38 -5.51
C GLN B 120 15.95 -15.23 -6.57
N ILE B 121 14.68 -14.92 -6.86
CA ILE B 121 13.89 -15.67 -7.83
C ILE B 121 14.02 -15.11 -9.23
N ARG B 122 14.52 -15.91 -10.16
CA ARG B 122 14.68 -15.44 -11.53
C ARG B 122 13.39 -15.56 -12.30
N ILE B 123 13.00 -14.47 -12.97
CA ILE B 123 11.77 -14.46 -13.74
C ILE B 123 12.09 -14.48 -15.23
N GLY B 124 13.26 -13.96 -15.57
CA GLY B 124 13.69 -13.85 -16.95
C GLY B 124 14.79 -12.82 -17.13
N SER B 125 14.83 -12.21 -18.31
CA SER B 125 15.87 -11.23 -18.61
C SER B 125 15.27 -9.96 -19.18
N LEU B 126 16.11 -8.92 -19.24
CA LEU B 126 15.72 -7.66 -19.84
C LEU B 126 15.56 -7.82 -21.34
N ILE B 127 14.84 -6.89 -21.96
CA ILE B 127 14.60 -6.94 -23.39
C ILE B 127 15.81 -6.43 -24.18
N GLY B 128 16.38 -7.30 -25.00
CA GLY B 128 17.53 -6.95 -25.83
C GLY B 128 18.85 -7.21 -25.13
N LYS B 129 18.92 -6.93 -23.84
CA LYS B 129 20.13 -7.13 -23.08
C LYS B 129 20.20 -8.55 -22.53
N ASN B 130 21.39 -9.01 -22.17
CA ASN B 130 21.57 -10.32 -21.59
C ASN B 130 21.75 -10.26 -20.07
N VAL B 131 20.76 -9.68 -19.40
CA VAL B 131 20.80 -9.50 -17.96
C VAL B 131 19.62 -10.18 -17.29
N GLU B 132 19.89 -11.17 -16.44
CA GLU B 132 18.83 -11.88 -15.76
C GLU B 132 18.22 -11.00 -14.68
N VAL B 133 16.90 -11.06 -14.56
CA VAL B 133 16.18 -10.30 -13.54
C VAL B 133 15.77 -11.21 -12.37
N LYS B 134 16.23 -10.87 -11.17
CA LYS B 134 15.91 -11.66 -9.99
C LYS B 134 15.00 -10.89 -9.04
N LEU B 135 13.95 -11.55 -8.58
CA LEU B 135 12.95 -10.91 -7.73
C LEU B 135 13.22 -11.20 -6.26
N ASN B 136 12.99 -10.19 -5.42
CA ASN B 136 13.15 -10.34 -3.98
C ASN B 136 12.05 -11.24 -3.43
N ILE B 137 12.43 -12.36 -2.83
CA ILE B 137 11.45 -13.37 -2.42
C ILE B 137 10.68 -12.94 -1.16
N ASN B 138 11.35 -12.28 -0.23
CA ASN B 138 10.71 -11.82 1.00
C ASN B 138 9.64 -10.76 0.74
N SER B 139 9.82 -10.00 -0.33
CA SER B 139 8.89 -8.93 -0.69
C SER B 139 7.54 -9.47 -1.17
N PHE B 140 7.48 -10.77 -1.44
CA PHE B 140 6.24 -11.44 -1.82
C PHE B 140 5.21 -11.40 -0.70
N ALA B 141 5.66 -11.12 0.52
CA ALA B 141 4.76 -10.98 1.66
C ALA B 141 3.92 -9.69 1.52
N ARG B 142 4.33 -8.83 0.59
CA ARG B 142 3.57 -7.62 0.30
C ARG B 142 2.60 -7.88 -0.85
N HIS B 143 2.54 -9.15 -1.23
CA HIS B 143 1.54 -9.71 -2.15
C HIS B 143 1.78 -9.30 -3.60
N LEU B 144 1.25 -10.11 -4.52
CA LEU B 144 1.56 -9.96 -5.94
C LEU B 144 0.31 -10.02 -6.81
N ALA B 145 0.30 -9.20 -7.85
CA ALA B 145 -0.77 -9.27 -8.85
C ALA B 145 -0.19 -9.47 -10.26
N ILE B 146 -0.57 -10.59 -10.87
CA ILE B 146 -0.18 -10.87 -12.25
C ILE B 146 -1.34 -10.54 -13.17
N LEU B 147 -1.19 -9.47 -13.97
CA LEU B 147 -2.27 -8.94 -14.78
C LEU B 147 -1.88 -8.85 -16.25
N ALA B 148 -2.78 -9.27 -17.12
CA ALA B 148 -2.53 -9.26 -18.56
C ALA B 148 -3.81 -9.53 -19.34
N ALA B 149 -3.81 -9.22 -20.64
CA ALA B 149 -4.93 -9.61 -21.50
C ALA B 149 -4.87 -11.12 -21.76
N THR B 150 -5.91 -11.65 -22.39
CA THR B 150 -6.00 -13.10 -22.61
C THR B 150 -4.88 -13.62 -23.52
N GLY B 151 -4.12 -14.58 -22.99
CA GLY B 151 -3.08 -15.24 -23.77
C GLY B 151 -1.76 -14.51 -23.81
N SER B 152 -1.48 -13.71 -22.79
CA SER B 152 -0.26 -12.90 -22.77
C SER B 152 0.86 -13.57 -22.00
N GLY B 153 0.50 -14.51 -21.13
CA GLY B 153 1.49 -15.30 -20.43
C GLY B 153 1.36 -15.21 -18.92
N LYS B 154 0.13 -15.19 -18.43
CA LYS B 154 -0.11 -15.13 -17.01
C LYS B 154 0.28 -16.44 -16.33
N SER B 155 -0.25 -17.55 -16.83
CA SER B 155 -0.01 -18.86 -16.23
C SER B 155 1.43 -19.33 -16.45
N ASN B 156 2.04 -18.89 -17.54
CA ASN B 156 3.46 -19.16 -17.76
C ASN B 156 4.32 -18.49 -16.69
N THR B 157 3.97 -17.26 -16.33
CA THR B 157 4.64 -16.54 -15.24
C THR B 157 4.44 -17.27 -13.91
N VAL B 158 3.21 -17.71 -13.66
CA VAL B 158 2.90 -18.47 -12.44
C VAL B 158 3.71 -19.77 -12.40
N ALA B 159 3.80 -20.44 -13.55
CA ALA B 159 4.50 -21.72 -13.63
C ALA B 159 5.99 -21.53 -13.32
N VAL B 160 6.62 -20.59 -13.99
CA VAL B 160 8.04 -20.32 -13.77
C VAL B 160 8.31 -19.93 -12.31
N LEU B 161 7.56 -18.96 -11.81
CA LEU B 161 7.72 -18.48 -10.44
C LEU B 161 7.54 -19.58 -9.40
N SER B 162 6.49 -20.38 -9.54
CA SER B 162 6.22 -21.47 -8.60
C SER B 162 7.37 -22.47 -8.57
N GLN B 163 7.96 -22.74 -9.73
CA GLN B 163 9.07 -23.67 -9.85
C GLN B 163 10.33 -23.18 -9.12
N ARG B 164 10.80 -21.98 -9.47
CA ARG B 164 12.02 -21.42 -8.87
C ARG B 164 11.90 -21.28 -7.35
N ILE B 165 10.74 -20.82 -6.90
CA ILE B 165 10.46 -20.68 -5.48
C ILE B 165 10.56 -22.03 -4.78
N SER B 166 9.94 -23.05 -5.35
CA SER B 166 9.99 -24.40 -4.79
C SER B 166 11.42 -24.96 -4.74
N GLU B 167 12.20 -24.63 -5.77
CA GLU B 167 13.59 -25.09 -5.85
C GLU B 167 14.46 -24.51 -4.75
N LEU B 168 14.10 -23.32 -4.27
CA LEU B 168 14.86 -22.67 -3.22
C LEU B 168 14.32 -23.05 -1.84
N GLY B 169 13.39 -23.99 -1.81
CA GLY B 169 12.79 -24.43 -0.57
C GLY B 169 11.58 -23.63 -0.17
N GLY B 170 10.98 -22.93 -1.14
CA GLY B 170 9.80 -22.12 -0.89
C GLY B 170 8.55 -22.93 -1.15
N SER B 171 7.42 -22.50 -0.58
CA SER B 171 6.18 -23.23 -0.70
C SER B 171 5.08 -22.41 -1.39
N VAL B 172 4.37 -23.04 -2.31
CA VAL B 172 3.32 -22.37 -3.07
C VAL B 172 2.04 -23.20 -3.03
N LEU B 173 0.90 -22.54 -2.87
CA LEU B 173 -0.40 -23.20 -2.96
C LEU B 173 -1.20 -22.62 -4.12
N ILE B 174 -1.28 -23.37 -5.20
CA ILE B 174 -2.02 -22.93 -6.37
C ILE B 174 -3.43 -23.51 -6.39
N PHE B 175 -4.42 -22.63 -6.51
CA PHE B 175 -5.78 -23.05 -6.76
C PHE B 175 -5.98 -23.10 -8.27
N ASP B 176 -6.07 -24.31 -8.81
CA ASP B 176 -6.06 -24.52 -10.26
C ASP B 176 -7.47 -24.49 -10.86
N TYR B 177 -7.77 -23.42 -11.58
CA TYR B 177 -9.10 -23.22 -12.13
C TYR B 177 -9.41 -24.17 -13.29
N HIS B 178 -8.47 -24.27 -14.22
CA HIS B 178 -8.68 -25.08 -15.43
C HIS B 178 -7.95 -26.41 -15.39
N GLY B 179 -7.25 -26.69 -14.28
CA GLY B 179 -6.51 -27.92 -14.14
C GLY B 179 -5.24 -27.93 -14.98
N GLU B 180 -4.60 -26.77 -15.08
CA GLU B 180 -3.43 -26.58 -15.94
C GLU B 180 -2.13 -27.10 -15.33
N TYR B 181 -2.01 -26.97 -14.01
CA TYR B 181 -0.80 -27.36 -13.30
C TYR B 181 -0.88 -28.76 -12.69
N TYR B 182 -2.11 -29.23 -12.46
CA TYR B 182 -2.36 -30.41 -11.66
C TYR B 182 -1.86 -31.71 -12.31
N ASP B 183 -1.95 -31.80 -13.63
CA ASP B 183 -1.51 -32.99 -14.34
C ASP B 183 -0.30 -32.68 -15.23
N SER B 184 0.52 -31.74 -14.78
CA SER B 184 1.66 -31.28 -15.55
C SER B 184 2.98 -31.84 -15.02
N ASP B 185 4.04 -31.68 -15.81
CA ASP B 185 5.36 -32.19 -15.42
C ASP B 185 6.16 -31.12 -14.68
N ILE B 186 5.46 -30.23 -13.99
CA ILE B 186 6.10 -29.20 -13.19
C ILE B 186 6.81 -29.87 -12.02
N LYS B 187 7.96 -29.33 -11.63
CA LYS B 187 8.80 -29.97 -10.62
C LYS B 187 8.30 -29.68 -9.20
N ASN B 188 8.56 -30.62 -8.29
CA ASN B 188 8.14 -30.52 -6.89
C ASN B 188 6.63 -30.46 -6.73
N LEU B 189 5.92 -31.09 -7.67
CA LEU B 189 4.46 -31.08 -7.67
C LEU B 189 3.85 -31.85 -6.50
N ASN B 190 2.86 -31.25 -5.85
CA ASN B 190 2.12 -31.90 -4.77
C ASN B 190 0.61 -31.77 -4.97
N ARG B 191 0.00 -32.81 -5.51
CA ARG B 191 -1.40 -32.78 -5.90
C ARG B 191 -2.33 -32.88 -4.70
N ILE B 192 -3.32 -31.98 -4.65
CA ILE B 192 -4.31 -31.96 -3.58
C ILE B 192 -5.73 -31.94 -4.15
N GLU B 193 -6.56 -32.83 -3.65
CA GLU B 193 -7.96 -32.91 -4.06
C GLU B 193 -8.81 -31.94 -3.24
N PRO B 194 -9.86 -31.37 -3.86
CA PRO B 194 -10.74 -30.42 -3.16
C PRO B 194 -11.68 -31.12 -2.17
N LYS B 195 -11.41 -30.98 -0.88
CA LYS B 195 -12.22 -31.63 0.14
C LYS B 195 -12.73 -30.64 1.18
N LEU B 196 -13.98 -30.80 1.60
CA LEU B 196 -14.51 -30.02 2.72
C LEU B 196 -14.80 -30.89 3.95
N ASN B 197 -14.01 -30.72 5.00
CA ASN B 197 -14.20 -31.45 6.24
C ASN B 197 -14.79 -30.55 7.32
N PRO B 198 -16.05 -30.82 7.70
CA PRO B 198 -16.76 -30.07 8.74
C PRO B 198 -16.08 -30.10 10.10
N LEU B 199 -15.19 -31.07 10.30
CA LEU B 199 -14.47 -31.19 11.57
C LEU B 199 -13.40 -30.11 11.71
N TYR B 200 -13.09 -29.45 10.60
CA TYR B 200 -12.13 -28.36 10.60
C TYR B 200 -12.80 -27.05 10.25
N MET B 201 -14.12 -27.01 10.35
CA MET B 201 -14.87 -25.78 10.10
C MET B 201 -15.28 -25.12 11.42
N THR B 202 -15.56 -23.82 11.35
CA THR B 202 -16.06 -23.07 12.49
C THR B 202 -17.58 -22.99 12.40
N PRO B 203 -18.25 -22.76 13.55
CA PRO B 203 -19.71 -22.63 13.51
C PRO B 203 -20.14 -21.48 12.57
N ARG B 204 -19.35 -20.42 12.54
CA ARG B 204 -19.56 -19.33 11.57
C ARG B 204 -19.56 -19.82 10.13
N GLU B 205 -18.50 -20.54 9.78
CA GLU B 205 -18.28 -21.01 8.42
C GLU B 205 -19.32 -22.04 7.97
N PHE B 206 -19.61 -23.01 8.84
CA PHE B 206 -20.59 -24.05 8.55
C PHE B 206 -22.01 -23.49 8.45
N SER B 207 -22.29 -22.45 9.23
CA SER B 207 -23.60 -21.81 9.20
C SER B 207 -23.79 -21.03 7.90
N THR B 208 -22.73 -20.39 7.44
CA THR B 208 -22.76 -19.61 6.20
C THR B 208 -23.05 -20.49 4.99
N LEU B 209 -22.50 -21.70 5.00
CA LEU B 209 -22.70 -22.65 3.92
C LEU B 209 -24.14 -23.14 3.87
N LEU B 210 -24.76 -23.29 5.03
CA LEU B 210 -26.16 -23.71 5.12
C LEU B 210 -27.10 -22.54 4.91
N GLU B 211 -26.53 -21.39 4.58
CA GLU B 211 -27.27 -20.14 4.36
C GLU B 211 -28.11 -19.76 5.57
N ILE B 212 -27.56 -19.98 6.77
CA ILE B 212 -28.21 -19.62 8.02
C ILE B 212 -27.36 -18.61 8.79
N ARG B 213 -27.84 -17.38 8.89
CA ARG B 213 -27.11 -16.35 9.64
C ARG B 213 -28.06 -15.43 10.40
N GLU B 214 -28.14 -14.18 9.95
CA GLU B 214 -28.99 -13.17 10.57
C GLU B 214 -30.45 -13.33 10.14
N ASN B 215 -30.65 -13.97 8.98
CA ASN B 215 -31.98 -14.23 8.47
C ASN B 215 -32.75 -15.26 9.30
N ALA B 216 -32.03 -15.93 10.19
CA ALA B 216 -32.67 -16.91 11.07
C ALA B 216 -31.98 -17.04 12.42
N ILE B 217 -32.34 -16.16 13.36
CA ILE B 217 -31.69 -16.12 14.65
C ILE B 217 -31.95 -17.40 15.46
N ILE B 218 -33.21 -17.87 15.44
CA ILE B 218 -33.60 -19.09 16.14
C ILE B 218 -32.86 -20.30 15.61
N GLN B 219 -32.91 -20.45 14.29
CA GLN B 219 -32.27 -21.55 13.60
C GLN B 219 -30.76 -21.53 13.82
N TYR B 220 -30.17 -20.34 13.86
CA TYR B 220 -28.72 -20.21 14.06
C TYR B 220 -28.30 -20.74 15.43
N ARG B 221 -29.13 -20.47 16.44
CA ARG B 221 -28.89 -20.97 17.79
C ARG B 221 -28.93 -22.49 17.80
N ILE B 222 -30.03 -23.04 17.27
CA ILE B 222 -30.19 -24.49 17.15
C ILE B 222 -29.06 -25.15 16.38
N LEU B 223 -28.68 -24.54 15.26
CA LEU B 223 -27.63 -25.09 14.41
C LEU B 223 -26.26 -25.05 15.09
N ARG B 224 -25.95 -23.94 15.74
CA ARG B 224 -24.63 -23.78 16.34
C ARG B 224 -24.44 -24.77 17.49
N ARG B 225 -25.46 -24.91 18.33
CA ARG B 225 -25.43 -25.85 19.44
C ARG B 225 -25.26 -27.28 18.94
N ALA B 226 -26.08 -27.66 17.98
CA ALA B 226 -26.02 -29.01 17.41
C ALA B 226 -24.65 -29.29 16.80
N PHE B 227 -24.18 -28.37 15.95
CA PHE B 227 -22.92 -28.53 15.24
C PHE B 227 -21.71 -28.64 16.17
N ILE B 228 -21.65 -27.77 17.17
CA ILE B 228 -20.60 -27.82 18.18
C ILE B 228 -20.67 -29.12 18.98
N LYS B 229 -21.88 -29.50 19.39
CA LYS B 229 -22.08 -30.74 20.12
C LYS B 229 -21.61 -31.98 19.34
N VAL B 230 -22.09 -32.12 18.10
CA VAL B 230 -21.78 -33.28 17.27
C VAL B 230 -20.29 -33.34 16.90
N THR B 231 -19.71 -32.19 16.56
CA THR B 231 -18.30 -32.15 16.20
C THR B 231 -17.40 -32.52 17.37
N ASN B 232 -17.68 -31.97 18.54
CA ASN B 232 -16.93 -32.30 19.75
C ASN B 232 -16.94 -33.79 20.04
N GLY B 233 -18.11 -34.40 19.90
CA GLY B 233 -18.28 -35.83 20.11
C GLY B 233 -17.48 -36.68 19.12
N ILE B 234 -17.44 -36.26 17.87
CA ILE B 234 -16.70 -37.00 16.85
C ILE B 234 -15.20 -36.89 17.07
N ARG B 235 -14.73 -35.69 17.39
CA ARG B 235 -13.31 -35.47 17.65
C ARG B 235 -12.83 -36.23 18.89
N ALA B 236 -13.68 -36.24 19.91
CA ALA B 236 -13.36 -36.94 21.17
C ALA B 236 -13.17 -38.44 20.97
N ALA B 237 -13.97 -39.04 20.10
CA ALA B 237 -13.86 -40.47 19.82
C ALA B 237 -12.53 -40.79 19.16
N LEU B 238 -12.04 -39.88 18.32
CA LEU B 238 -10.76 -40.05 17.67
C LEU B 238 -9.62 -39.76 18.64
N LEU B 248 -18.05 -42.59 8.55
CA LEU B 248 -17.81 -41.34 9.26
C LEU B 248 -18.63 -40.21 8.65
N ASN B 249 -18.81 -40.26 7.33
CA ASN B 249 -19.69 -39.31 6.66
C ASN B 249 -21.13 -39.60 7.01
N SER B 250 -21.52 -40.87 6.90
CA SER B 250 -22.86 -41.30 7.26
C SER B 250 -23.09 -41.05 8.75
N GLN B 251 -22.08 -41.32 9.56
CA GLN B 251 -22.18 -41.11 11.00
C GLN B 251 -22.42 -39.65 11.34
N PHE B 252 -21.71 -38.75 10.66
CA PHE B 252 -21.88 -37.33 10.86
C PHE B 252 -23.28 -36.88 10.44
N TYR B 253 -23.78 -37.47 9.35
CA TYR B 253 -25.09 -37.11 8.85
C TYR B 253 -26.18 -37.48 9.84
N GLU B 254 -26.18 -38.73 10.29
CA GLU B 254 -27.22 -39.22 11.19
C GLU B 254 -27.15 -38.58 12.57
N LEU B 255 -25.94 -38.36 13.06
CA LEU B 255 -25.73 -37.70 14.36
C LEU B 255 -26.25 -36.27 14.33
N MET B 256 -25.92 -35.53 13.28
CA MET B 256 -26.43 -34.17 13.08
C MET B 256 -27.94 -34.17 12.92
N ALA B 257 -28.45 -35.18 12.23
CA ALA B 257 -29.89 -35.32 12.00
C ALA B 257 -30.61 -35.68 13.30
N ASP B 258 -29.89 -36.28 14.24
CA ASP B 258 -30.45 -36.66 15.53
C ASP B 258 -30.44 -35.50 16.52
N ALA B 259 -29.33 -34.76 16.56
CA ALA B 259 -29.16 -33.66 17.49
C ALA B 259 -30.20 -32.56 17.25
N LEU B 260 -30.76 -32.54 16.05
CA LEU B 260 -31.80 -31.59 15.69
C LEU B 260 -33.19 -32.12 16.08
N SER B 271 -40.87 -26.29 14.64
CA SER B 271 -40.65 -26.27 13.20
C SER B 271 -39.29 -25.67 12.84
N ALA B 272 -38.62 -25.09 13.84
CA ALA B 272 -37.32 -24.44 13.67
C ALA B 272 -36.19 -25.46 13.42
N LYS B 273 -36.23 -26.57 14.16
CA LYS B 273 -35.23 -27.61 14.00
C LYS B 273 -35.34 -28.26 12.62
N ASP B 274 -36.55 -28.27 12.06
CA ASP B 274 -36.80 -28.87 10.77
C ASP B 274 -36.28 -27.93 9.69
N GLU B 275 -36.32 -26.64 10.00
CA GLU B 275 -35.80 -25.63 9.10
C GLU B 275 -34.28 -25.74 9.01
N VAL B 276 -33.64 -25.98 10.15
CA VAL B 276 -32.20 -26.23 10.16
C VAL B 276 -31.89 -27.54 9.44
N LEU B 277 -32.71 -28.56 9.71
CA LEU B 277 -32.53 -29.86 9.10
C LEU B 277 -32.71 -29.81 7.60
N ASN B 278 -33.70 -29.05 7.15
CA ASN B 278 -33.97 -28.91 5.72
C ASN B 278 -32.75 -28.34 4.99
N LYS B 279 -32.20 -27.27 5.52
CA LYS B 279 -31.03 -26.63 4.93
C LYS B 279 -29.79 -27.52 5.04
N PHE B 280 -29.74 -28.33 6.10
CA PHE B 280 -28.62 -29.24 6.29
C PHE B 280 -28.64 -30.37 5.26
N GLU B 281 -29.81 -30.95 5.04
CA GLU B 281 -29.94 -32.01 4.06
C GLU B 281 -29.59 -31.49 2.68
N GLU B 282 -30.04 -30.28 2.38
CA GLU B 282 -29.72 -29.63 1.12
C GLU B 282 -28.23 -29.34 0.96
N PHE B 283 -27.61 -28.94 2.07
CA PHE B 283 -26.18 -28.66 2.10
C PHE B 283 -25.37 -29.90 1.75
N MET B 284 -25.86 -31.06 2.21
CA MET B 284 -25.17 -32.32 2.00
C MET B 284 -25.35 -32.78 0.56
N ASP B 285 -26.38 -32.28 -0.10
CA ASP B 285 -26.64 -32.57 -1.51
C ASP B 285 -25.84 -31.69 -2.47
N ARG B 286 -25.79 -30.39 -2.18
CA ARG B 286 -25.15 -29.43 -3.07
C ARG B 286 -23.63 -29.56 -3.04
N TYR B 287 -23.09 -29.89 -1.87
CA TYR B 287 -21.63 -30.01 -1.72
C TYR B 287 -21.22 -31.46 -1.48
N SER B 288 -22.01 -32.39 -2.00
CA SER B 288 -21.77 -33.82 -1.79
C SER B 288 -20.42 -34.23 -2.38
N ASN B 289 -20.07 -33.63 -3.52
CA ASN B 289 -18.83 -33.98 -4.22
C ASN B 289 -17.58 -33.43 -3.54
N VAL B 290 -17.78 -32.72 -2.43
CA VAL B 290 -16.67 -32.06 -1.74
C VAL B 290 -16.54 -32.50 -0.29
N ILE B 291 -17.68 -32.77 0.36
CA ILE B 291 -17.69 -33.09 1.78
C ILE B 291 -17.00 -34.43 2.09
N ASP B 292 -16.02 -34.39 2.98
CA ASP B 292 -15.31 -35.60 3.38
C ASP B 292 -14.74 -35.43 4.78
N LEU B 293 -15.31 -36.17 5.73
CA LEU B 293 -14.82 -36.11 7.11
C LEU B 293 -13.62 -37.01 7.33
N THR B 294 -13.29 -37.80 6.32
CA THR B 294 -12.17 -38.71 6.40
C THR B 294 -10.90 -37.94 6.01
N SER B 295 -11.08 -36.89 5.21
CA SER B 295 -9.96 -36.11 4.71
C SER B 295 -9.28 -35.33 5.82
N SER B 296 -7.95 -35.25 5.73
CA SER B 296 -7.16 -34.53 6.73
C SER B 296 -7.24 -33.04 6.48
N ASP B 297 -6.78 -32.26 7.46
CA ASP B 297 -6.79 -30.82 7.35
C ASP B 297 -5.83 -30.40 6.25
N ILE B 298 -6.13 -29.26 5.60
CA ILE B 298 -5.32 -28.76 4.49
C ILE B 298 -3.88 -28.49 4.95
N ILE B 299 -3.72 -28.16 6.22
CA ILE B 299 -2.42 -27.85 6.79
C ILE B 299 -1.46 -29.04 6.74
N GLU B 300 -2.00 -30.24 6.92
CA GLU B 300 -1.20 -31.44 6.89
C GLU B 300 -0.90 -31.91 5.47
N LYS B 301 -1.77 -31.58 4.53
CA LYS B 301 -1.62 -32.03 3.15
C LYS B 301 -0.63 -31.15 2.37
N VAL B 302 -0.36 -29.96 2.91
CA VAL B 302 0.56 -29.03 2.27
C VAL B 302 2.01 -29.36 2.64
N LYS B 303 2.84 -29.51 1.62
CA LYS B 303 4.23 -29.88 1.81
C LYS B 303 5.14 -28.68 1.62
N ARG B 304 6.21 -28.62 2.42
CA ARG B 304 7.17 -27.54 2.31
C ARG B 304 8.09 -27.79 1.13
N GLY B 305 8.43 -26.73 0.41
CA GLY B 305 9.33 -26.82 -0.74
C GLY B 305 8.70 -27.44 -1.97
N LYS B 306 7.36 -27.58 -1.93
CA LYS B 306 6.61 -28.16 -3.04
C LYS B 306 5.64 -27.16 -3.65
N VAL B 307 5.34 -27.37 -4.92
CA VAL B 307 4.28 -26.62 -5.59
C VAL B 307 2.96 -27.35 -5.37
N ASN B 308 2.27 -27.02 -4.28
CA ASN B 308 0.98 -27.63 -3.95
C ASN B 308 -0.13 -27.08 -4.84
N VAL B 309 -0.84 -27.95 -5.53
CA VAL B 309 -1.90 -27.51 -6.41
C VAL B 309 -3.23 -28.18 -6.08
N VAL B 310 -4.25 -27.37 -5.81
CA VAL B 310 -5.59 -27.86 -5.61
C VAL B 310 -6.35 -27.84 -6.93
N SER B 311 -6.90 -28.99 -7.32
CA SER B 311 -7.63 -29.08 -8.57
C SER B 311 -9.07 -28.62 -8.39
N LEU B 312 -9.44 -27.54 -9.08
CA LEU B 312 -10.81 -27.03 -9.05
C LEU B 312 -11.50 -27.34 -10.36
N THR B 313 -10.92 -28.28 -11.12
CA THR B 313 -11.28 -28.49 -12.51
C THR B 313 -12.71 -28.97 -12.71
N GLN B 314 -13.21 -29.76 -11.75
CA GLN B 314 -14.53 -30.35 -11.87
C GLN B 314 -15.47 -29.92 -10.75
N LEU B 315 -15.34 -28.68 -10.31
CA LEU B 315 -16.20 -28.13 -9.27
C LEU B 315 -17.09 -27.02 -9.82
N ASP B 316 -18.19 -26.73 -9.11
CA ASP B 316 -19.07 -25.64 -9.49
C ASP B 316 -18.66 -24.38 -8.74
N GLU B 317 -19.31 -23.26 -9.05
CA GLU B 317 -18.99 -21.98 -8.44
C GLU B 317 -19.03 -22.03 -6.92
N ASP B 318 -20.11 -22.62 -6.39
CA ASP B 318 -20.34 -22.68 -4.96
C ASP B 318 -19.32 -23.56 -4.25
N SER B 319 -19.11 -24.76 -4.76
CA SER B 319 -18.15 -25.69 -4.17
C SER B 319 -16.75 -25.10 -4.24
N MET B 320 -16.42 -24.51 -5.38
CA MET B 320 -15.15 -23.85 -5.57
C MET B 320 -14.95 -22.74 -4.54
N ASP B 321 -15.94 -21.84 -4.45
CA ASP B 321 -15.88 -20.73 -3.51
C ASP B 321 -15.73 -21.23 -2.08
N ALA B 322 -16.46 -22.28 -1.74
CA ALA B 322 -16.41 -22.85 -0.40
C ALA B 322 -15.04 -23.45 -0.08
N VAL B 323 -14.46 -24.16 -1.05
CA VAL B 323 -13.17 -24.81 -0.87
C VAL B 323 -12.04 -23.77 -0.77
N VAL B 324 -12.00 -22.85 -1.72
CA VAL B 324 -10.94 -21.85 -1.76
C VAL B 324 -10.96 -20.99 -0.50
N SER B 325 -12.14 -20.52 -0.12
CA SER B 325 -12.28 -19.70 1.08
C SER B 325 -11.86 -20.48 2.34
N HIS B 326 -12.23 -21.75 2.40
CA HIS B 326 -11.91 -22.59 3.54
C HIS B 326 -10.40 -22.77 3.70
N TYR B 327 -9.73 -23.12 2.59
CA TYR B 327 -8.29 -23.33 2.62
C TYR B 327 -7.54 -22.03 2.90
N LEU B 328 -8.02 -20.92 2.35
CA LEU B 328 -7.44 -19.61 2.64
C LEU B 328 -7.55 -19.26 4.12
N ARG B 329 -8.75 -19.43 4.67
CA ARG B 329 -9.00 -19.16 6.08
C ARG B 329 -8.14 -20.05 6.99
N ARG B 330 -8.06 -21.33 6.64
CA ARG B 330 -7.28 -22.29 7.41
C ARG B 330 -5.80 -21.91 7.41
N ILE B 331 -5.28 -21.56 6.23
CA ILE B 331 -3.89 -21.14 6.09
C ILE B 331 -3.60 -19.91 6.95
N LEU B 332 -4.45 -18.90 6.84
CA LEU B 332 -4.24 -17.65 7.56
C LEU B 332 -4.29 -17.85 9.07
N ASP B 333 -5.32 -18.56 9.54
CA ASP B 333 -5.48 -18.82 10.97
C ASP B 333 -4.34 -19.66 11.54
N SER B 334 -3.87 -20.64 10.78
CA SER B 334 -2.79 -21.51 11.22
C SER B 334 -1.48 -20.75 11.38
N ARG B 335 -1.14 -19.97 10.37
CA ARG B 335 0.06 -19.16 10.39
C ARG B 335 -0.03 -18.14 11.52
N LYS B 336 -1.24 -17.63 11.77
CA LYS B 336 -1.45 -16.71 12.88
C LYS B 336 -1.17 -17.37 14.22
N ASP B 337 -1.73 -18.56 14.42
CA ASP B 337 -1.52 -19.32 15.64
C ASP B 337 -0.04 -19.65 15.83
N PHE B 338 0.67 -19.87 14.73
CA PHE B 338 2.08 -20.20 14.79
C PHE B 338 2.94 -19.04 15.26
N LYS B 339 2.58 -17.83 14.84
CA LYS B 339 3.31 -16.65 15.29
C LYS B 339 3.05 -16.39 16.76
N ARG B 340 1.86 -16.77 17.21
CA ARG B 340 1.45 -16.53 18.58
C ARG B 340 1.95 -17.62 19.53
N SER B 341 1.81 -18.88 19.14
CA SER B 341 2.12 -19.98 20.05
C SER B 341 3.44 -20.70 19.72
N LYS B 342 3.74 -20.83 18.42
CA LYS B 342 4.94 -21.54 17.93
C LYS B 342 4.94 -23.03 18.29
N ASN B 343 3.83 -23.51 18.84
CA ASN B 343 3.67 -24.92 19.16
C ASN B 343 2.43 -25.49 18.49
N SER B 344 1.92 -24.72 17.52
CA SER B 344 0.74 -25.11 16.78
C SER B 344 0.67 -24.30 15.49
N GLY B 345 0.02 -24.84 14.47
CA GLY B 345 -0.18 -24.16 13.21
C GLY B 345 0.86 -24.49 12.14
N LEU B 346 0.71 -23.83 10.99
CA LEU B 346 1.62 -24.02 9.85
C LEU B 346 3.00 -23.46 10.15
N LYS B 347 4.00 -24.34 10.15
CA LYS B 347 5.36 -23.98 10.58
C LYS B 347 6.19 -23.23 9.55
N PHE B 348 5.77 -23.24 8.28
CA PHE B 348 6.52 -22.56 7.24
C PHE B 348 5.64 -21.58 6.47
N PRO B 349 6.24 -20.49 5.96
CA PRO B 349 5.53 -19.50 5.14
C PRO B 349 5.09 -20.07 3.78
N ILE B 350 3.94 -19.62 3.30
CA ILE B 350 3.40 -20.12 2.05
C ILE B 350 2.89 -18.97 1.20
N ILE B 351 2.83 -19.18 -0.12
CA ILE B 351 2.30 -18.20 -1.06
C ILE B 351 1.08 -18.78 -1.79
N ALA B 352 -0.09 -18.22 -1.50
CA ALA B 352 -1.34 -18.67 -2.09
C ALA B 352 -1.60 -17.99 -3.43
N VAL B 353 -1.86 -18.78 -4.46
CA VAL B 353 -2.06 -18.26 -5.80
C VAL B 353 -3.45 -18.53 -6.33
N ILE B 354 -4.19 -17.45 -6.61
CA ILE B 354 -5.54 -17.56 -7.13
C ILE B 354 -5.60 -17.28 -8.63
N GLU B 355 -5.74 -18.33 -9.42
CA GLU B 355 -5.96 -18.19 -10.86
C GLU B 355 -7.38 -17.73 -11.14
N GLU B 356 -7.58 -17.04 -12.26
CA GLU B 356 -8.91 -16.57 -12.66
C GLU B 356 -9.58 -15.73 -11.57
N ALA B 357 -8.81 -14.84 -10.97
CA ALA B 357 -9.22 -14.14 -9.75
C ALA B 357 -10.46 -13.23 -9.93
N HIS B 358 -10.74 -12.82 -11.17
CA HIS B 358 -11.89 -11.95 -11.45
C HIS B 358 -13.22 -12.68 -11.22
N VAL B 359 -13.15 -14.01 -11.11
CA VAL B 359 -14.32 -14.83 -10.84
C VAL B 359 -14.66 -14.77 -9.34
N PHE B 360 -13.64 -14.65 -8.52
CA PHE B 360 -13.83 -14.63 -7.07
C PHE B 360 -13.90 -13.23 -6.48
N LEU B 361 -13.23 -12.26 -7.12
CA LEU B 361 -12.96 -10.98 -6.46
C LEU B 361 -13.73 -9.80 -7.04
N SER B 362 -14.81 -10.07 -7.76
CA SER B 362 -15.64 -9.01 -8.33
C SER B 362 -16.25 -8.15 -7.23
N LYS B 363 -16.46 -6.88 -7.53
CA LYS B 363 -16.98 -5.93 -6.57
C LYS B 363 -18.51 -5.98 -6.51
N ASN B 364 -19.13 -6.30 -7.65
CA ASN B 364 -20.59 -6.38 -7.72
C ASN B 364 -21.09 -7.72 -7.19
N GLU B 365 -20.18 -8.50 -6.62
CA GLU B 365 -20.52 -9.78 -6.03
C GLU B 365 -19.86 -9.95 -4.67
N ASN B 366 -20.48 -10.72 -3.79
CA ASN B 366 -19.91 -10.93 -2.47
C ASN B 366 -19.65 -12.41 -2.19
N THR B 367 -18.46 -12.87 -2.53
CA THR B 367 -18.09 -14.26 -2.33
C THR B 367 -17.31 -14.42 -1.03
N LEU B 368 -17.11 -15.67 -0.62
CA LEU B 368 -16.38 -15.93 0.62
C LEU B 368 -14.88 -15.79 0.41
N THR B 369 -14.42 -16.22 -0.76
CA THR B 369 -13.02 -16.10 -1.16
C THR B 369 -12.56 -14.64 -1.13
N LYS B 370 -13.44 -13.75 -1.55
CA LYS B 370 -13.17 -12.32 -1.57
C LYS B 370 -12.88 -11.79 -0.16
N TYR B 371 -13.63 -12.28 0.82
CA TYR B 371 -13.44 -11.90 2.22
C TYR B 371 -12.06 -12.30 2.73
N TRP B 372 -11.67 -13.53 2.43
CA TRP B 372 -10.43 -14.09 2.93
C TRP B 372 -9.21 -13.72 2.10
N ALA B 373 -9.42 -13.35 0.83
CA ALA B 373 -8.33 -12.78 0.04
C ALA B 373 -7.98 -11.41 0.60
N SER B 374 -9.01 -10.62 0.88
CA SER B 374 -8.83 -9.30 1.48
C SER B 374 -8.16 -9.42 2.84
N ARG B 375 -8.57 -10.42 3.61
CA ARG B 375 -7.98 -10.72 4.92
C ARG B 375 -6.48 -10.97 4.84
N ILE B 376 -6.08 -11.86 3.94
CA ILE B 376 -4.67 -12.16 3.72
C ILE B 376 -3.94 -10.93 3.21
N ALA B 377 -4.64 -10.11 2.43
CA ALA B 377 -4.03 -8.92 1.83
C ALA B 377 -3.67 -7.88 2.91
N ARG B 378 -4.39 -7.92 4.02
CA ARG B 378 -4.19 -6.97 5.10
C ARG B 378 -3.38 -7.55 6.28
N GLU B 379 -3.45 -8.86 6.47
CA GLU B 379 -2.79 -9.51 7.59
C GLU B 379 -1.58 -10.36 7.17
N GLY B 380 -1.68 -10.95 5.98
CA GLY B 380 -0.75 -11.95 5.51
C GLY B 380 0.74 -11.67 5.64
N ARG B 381 1.11 -10.40 5.50
CA ARG B 381 2.51 -9.99 5.61
C ARG B 381 3.08 -10.32 6.98
N LYS B 382 2.24 -10.18 8.00
CA LYS B 382 2.65 -10.39 9.38
C LYS B 382 2.79 -11.88 9.73
N PHE B 383 2.13 -12.76 8.97
CA PHE B 383 2.10 -14.18 9.33
C PHE B 383 2.77 -15.07 8.30
N GLY B 384 3.48 -14.46 7.34
CA GLY B 384 4.19 -15.21 6.34
C GLY B 384 3.28 -15.85 5.30
N VAL B 385 2.15 -15.20 5.03
CA VAL B 385 1.23 -15.67 4.01
C VAL B 385 1.16 -14.65 2.88
N GLY B 386 1.71 -15.01 1.72
CA GLY B 386 1.67 -14.14 0.56
C GLY B 386 0.51 -14.46 -0.36
N LEU B 387 -0.02 -13.46 -1.02
CA LEU B 387 -1.14 -13.67 -1.93
C LEU B 387 -0.82 -13.23 -3.36
N THR B 388 -1.17 -14.08 -4.32
CA THR B 388 -0.95 -13.79 -5.72
C THR B 388 -2.25 -13.94 -6.48
N ILE B 389 -2.67 -12.91 -7.18
CA ILE B 389 -3.89 -12.99 -7.97
C ILE B 389 -3.59 -12.89 -9.46
N VAL B 390 -4.21 -13.79 -10.23
CA VAL B 390 -3.97 -13.89 -11.66
C VAL B 390 -5.28 -13.68 -12.40
N SER B 391 -5.34 -12.65 -13.24
CA SER B 391 -6.58 -12.36 -13.97
C SER B 391 -6.39 -11.53 -15.23
N GLN B 392 -7.42 -11.54 -16.08
CA GLN B 392 -7.41 -10.80 -17.33
C GLN B 392 -8.40 -9.63 -17.33
N ARG B 393 -9.27 -9.57 -16.33
CA ARG B 393 -10.19 -8.44 -16.21
C ARG B 393 -9.88 -7.63 -14.95
N PRO B 394 -8.98 -6.64 -15.08
CA PRO B 394 -8.53 -5.81 -13.95
C PRO B 394 -9.64 -5.03 -13.26
N LYS B 395 -10.54 -4.42 -14.03
CA LYS B 395 -11.59 -3.60 -13.44
C LYS B 395 -12.68 -4.47 -12.80
N GLY B 396 -12.54 -5.78 -12.96
CA GLY B 396 -13.41 -6.73 -12.32
C GLY B 396 -12.76 -7.27 -11.05
N LEU B 397 -11.74 -6.55 -10.58
CA LEU B 397 -11.08 -6.88 -9.33
C LEU B 397 -11.33 -5.76 -8.31
N ASP B 398 -11.69 -6.14 -7.08
CA ASP B 398 -11.98 -5.17 -6.02
C ASP B 398 -10.81 -4.24 -5.77
N GLU B 399 -11.10 -2.94 -5.69
CA GLU B 399 -10.09 -1.91 -5.44
C GLU B 399 -9.30 -2.17 -4.16
N ASN B 400 -9.99 -2.65 -3.12
CA ASN B 400 -9.38 -2.87 -1.82
C ASN B 400 -8.38 -4.01 -1.83
N ILE B 401 -8.61 -4.98 -2.69
CA ILE B 401 -7.71 -6.13 -2.82
C ILE B 401 -6.58 -5.84 -3.82
N LEU B 402 -6.90 -5.16 -4.91
CA LEU B 402 -5.90 -4.87 -5.93
C LEU B 402 -4.87 -3.83 -5.48
N SER B 403 -5.32 -2.88 -4.66
CA SER B 403 -4.44 -1.82 -4.20
C SER B 403 -3.48 -2.32 -3.11
N GLN B 404 -3.79 -3.47 -2.50
CA GLN B 404 -2.92 -4.06 -1.49
C GLN B 404 -1.89 -4.97 -2.15
N MET B 405 -2.06 -5.20 -3.45
CA MET B 405 -1.05 -5.94 -4.19
C MET B 405 0.08 -4.97 -4.53
N THR B 406 1.04 -4.83 -3.61
CA THR B 406 2.15 -3.90 -3.78
C THR B 406 2.97 -4.26 -5.02
N ASN B 407 3.25 -5.55 -5.19
CA ASN B 407 4.01 -6.00 -6.36
C ASN B 407 3.08 -6.31 -7.52
N LYS B 408 3.48 -5.91 -8.72
CA LYS B 408 2.63 -6.13 -9.88
C LYS B 408 3.43 -6.49 -11.12
N ILE B 409 3.12 -7.65 -11.69
CA ILE B 409 3.68 -8.06 -12.97
C ILE B 409 2.63 -7.81 -14.06
N ILE B 410 2.78 -6.70 -14.78
CA ILE B 410 1.76 -6.30 -15.75
C ILE B 410 2.24 -6.52 -17.18
N LEU B 411 1.61 -7.49 -17.84
CA LEU B 411 1.91 -7.74 -19.24
C LEU B 411 0.94 -6.95 -20.11
N LYS B 412 0.69 -7.43 -21.32
CA LYS B 412 0.00 -6.64 -22.33
C LYS B 412 -1.42 -6.24 -21.93
N ILE B 413 -1.63 -4.93 -21.87
CA ILE B 413 -2.94 -4.33 -21.66
C ILE B 413 -3.17 -3.28 -22.76
N ILE B 414 -4.22 -3.43 -23.57
CA ILE B 414 -4.44 -2.45 -24.63
C ILE B 414 -5.62 -1.51 -24.35
N GLU B 415 -6.52 -1.91 -23.45
CA GLU B 415 -7.64 -1.05 -23.05
C GLU B 415 -7.21 -0.01 -22.01
N PRO B 416 -7.32 1.28 -22.36
CA PRO B 416 -6.87 2.37 -21.48
C PRO B 416 -7.62 2.42 -20.14
N THR B 417 -8.90 2.06 -20.12
CA THR B 417 -9.64 2.04 -18.87
C THR B 417 -9.13 0.93 -17.96
N ASP B 418 -8.60 -0.12 -18.56
CA ASP B 418 -7.94 -1.17 -17.78
C ASP B 418 -6.65 -0.62 -17.19
N LYS B 419 -5.86 0.08 -18.00
CA LYS B 419 -4.65 0.76 -17.56
C LYS B 419 -4.95 1.73 -16.42
N LYS B 420 -5.97 2.56 -16.65
CA LYS B 420 -6.42 3.52 -15.67
C LYS B 420 -6.79 2.84 -14.34
N TYR B 421 -7.44 1.69 -14.43
CA TYR B 421 -7.85 0.95 -13.25
C TYR B 421 -6.64 0.39 -12.49
N ILE B 422 -5.67 -0.13 -13.22
CA ILE B 422 -4.46 -0.67 -12.62
C ILE B 422 -3.63 0.47 -12.03
N LEU B 423 -3.60 1.59 -12.75
CA LEU B 423 -2.87 2.77 -12.32
C LEU B 423 -3.39 3.33 -11.00
N GLU B 424 -4.71 3.36 -10.86
CA GLU B 424 -5.32 3.92 -9.65
C GLU B 424 -5.32 2.92 -8.48
N SER B 425 -4.91 1.69 -8.76
CA SER B 425 -4.80 0.68 -7.72
C SER B 425 -3.33 0.40 -7.39
N SER B 426 -2.45 1.19 -7.98
CA SER B 426 -1.04 1.09 -7.69
C SER B 426 -0.56 2.40 -7.09
N ASP B 427 0.42 2.33 -6.21
CA ASP B 427 1.03 3.55 -5.67
C ASP B 427 2.44 3.75 -6.23
N ASN B 428 2.89 2.81 -7.04
CA ASN B 428 4.25 2.83 -7.56
C ASN B 428 4.32 2.61 -9.08
N LEU B 429 3.21 2.90 -9.76
CA LEU B 429 3.16 2.83 -11.22
C LEU B 429 3.03 4.23 -11.80
N SER B 430 3.88 4.55 -12.76
CA SER B 430 3.88 5.87 -13.38
C SER B 430 3.01 5.88 -14.63
N GLU B 431 2.49 7.04 -14.96
CA GLU B 431 1.54 7.20 -16.05
C GLU B 431 2.17 6.86 -17.40
N ASP B 432 3.45 7.21 -17.58
CA ASP B 432 4.12 6.98 -18.84
C ASP B 432 4.50 5.51 -19.02
N LEU B 433 4.65 4.81 -17.89
CA LEU B 433 4.90 3.37 -17.92
C LEU B 433 3.61 2.61 -18.23
N ALA B 434 2.51 3.10 -17.66
CA ALA B 434 1.20 2.50 -17.93
C ALA B 434 0.78 2.79 -19.38
N GLU B 435 1.28 3.88 -19.93
CA GLU B 435 0.98 4.28 -21.30
C GLU B 435 1.66 3.36 -22.31
N GLN B 436 2.65 2.62 -21.84
CA GLN B 436 3.41 1.75 -22.74
C GLN B 436 3.05 0.27 -22.57
N LEU B 437 2.00 0.00 -21.82
CA LEU B 437 1.54 -1.37 -21.59
C LEU B 437 0.97 -2.03 -22.86
N SER B 438 0.53 -1.19 -23.80
CA SER B 438 -0.07 -1.69 -25.03
C SER B 438 0.98 -2.13 -26.04
N SER B 439 2.22 -1.68 -25.86
CA SER B 439 3.29 -2.07 -26.78
C SER B 439 4.00 -3.32 -26.30
N LEU B 440 3.58 -3.86 -25.17
CA LEU B 440 4.15 -5.10 -24.66
C LEU B 440 3.72 -6.29 -25.53
N ASP B 441 4.55 -7.32 -25.56
CA ASP B 441 4.24 -8.52 -26.33
C ASP B 441 4.04 -9.72 -25.44
N VAL B 442 3.69 -10.85 -26.04
CA VAL B 442 3.49 -12.09 -25.28
C VAL B 442 4.80 -12.48 -24.60
N GLY B 443 4.77 -12.55 -23.28
CA GLY B 443 5.95 -12.89 -22.51
C GLY B 443 6.67 -11.69 -21.95
N GLU B 444 6.31 -10.51 -22.45
CA GLU B 444 6.91 -9.27 -21.98
C GLU B 444 6.06 -8.66 -20.86
N ALA B 445 6.70 -8.00 -19.90
CA ALA B 445 5.99 -7.42 -18.76
C ALA B 445 6.68 -6.19 -18.15
N ILE B 446 5.87 -5.33 -17.55
CA ILE B 446 6.38 -4.25 -16.70
C ILE B 446 6.23 -4.68 -15.24
N ILE B 447 7.36 -4.78 -14.54
CA ILE B 447 7.36 -5.29 -13.17
C ILE B 447 7.64 -4.19 -12.16
N ILE B 448 6.69 -3.98 -11.25
CA ILE B 448 6.84 -2.96 -10.20
C ILE B 448 6.66 -3.58 -8.81
N GLY B 449 7.08 -2.87 -7.77
CA GLY B 449 7.00 -3.36 -6.41
C GLY B 449 8.35 -3.51 -5.74
N LYS B 450 8.35 -4.07 -4.53
CA LYS B 450 9.60 -4.26 -3.78
C LYS B 450 10.36 -5.51 -4.23
N ILE B 451 9.77 -6.26 -5.14
CA ILE B 451 10.43 -7.43 -5.70
C ILE B 451 11.56 -7.00 -6.63
N VAL B 452 11.52 -5.72 -7.03
CA VAL B 452 12.58 -5.15 -7.84
C VAL B 452 13.13 -3.88 -7.18
N LYS B 453 14.34 -3.50 -7.56
CA LYS B 453 14.95 -2.28 -7.04
C LYS B 453 14.49 -1.09 -7.89
N LEU B 454 14.27 -1.34 -9.18
CA LEU B 454 13.75 -0.35 -10.10
C LEU B 454 12.71 -0.98 -11.02
N PRO B 455 11.77 -0.17 -11.55
CA PRO B 455 10.78 -0.65 -12.52
C PRO B 455 11.45 -1.37 -13.67
N ALA B 456 11.00 -2.59 -13.94
CA ALA B 456 11.69 -3.44 -14.89
C ALA B 456 10.82 -3.83 -16.10
N VAL B 457 11.32 -3.57 -17.29
CA VAL B 457 10.72 -4.09 -18.51
C VAL B 457 11.43 -5.39 -18.85
N VAL B 458 10.69 -6.50 -18.80
CA VAL B 458 11.32 -7.82 -18.77
C VAL B 458 10.74 -8.78 -19.80
N LYS B 459 11.61 -9.60 -20.38
CA LYS B 459 11.17 -10.77 -21.14
C LYS B 459 11.12 -11.98 -20.21
N ILE B 460 9.92 -12.48 -19.95
CA ILE B 460 9.73 -13.60 -19.02
C ILE B 460 10.09 -14.92 -19.70
N ASP B 461 10.86 -15.74 -18.99
CA ASP B 461 11.27 -17.05 -19.53
C ASP B 461 10.09 -17.94 -19.84
N MET B 462 10.20 -18.72 -20.90
CA MET B 462 9.17 -19.69 -21.23
C MET B 462 9.31 -20.90 -20.31
N PHE B 463 8.21 -21.27 -19.66
CA PHE B 463 8.17 -22.43 -18.79
C PHE B 463 8.63 -23.68 -19.56
N GLU B 464 9.75 -24.26 -19.13
CA GLU B 464 10.35 -25.41 -19.82
C GLU B 464 9.53 -26.69 -19.71
N GLY B 465 8.51 -26.69 -18.86
CA GLY B 465 7.65 -27.85 -18.73
C GLY B 465 6.48 -27.81 -19.70
N LYS B 466 5.34 -28.34 -19.26
CA LYS B 466 4.15 -28.44 -20.11
C LYS B 466 2.86 -28.38 -19.29
N LEU B 467 2.20 -27.23 -19.34
CA LEU B 467 0.92 -27.08 -18.67
C LEU B 467 -0.18 -27.69 -19.53
N LEU B 468 -1.17 -28.30 -18.88
CA LEU B 468 -2.29 -28.87 -19.60
C LEU B 468 -3.11 -27.75 -20.26
N GLY B 469 -3.64 -28.01 -21.45
CA GLY B 469 -4.47 -27.02 -22.14
C GLY B 469 -5.72 -26.62 -21.36
N SER B 470 -6.24 -25.44 -21.67
CA SER B 470 -7.42 -24.90 -20.99
C SER B 470 -8.66 -24.97 -21.86
N ASP B 471 -8.46 -25.01 -23.18
CA ASP B 471 -9.57 -25.08 -24.11
C ASP B 471 -9.93 -26.52 -24.41
N PRO B 472 -11.18 -26.91 -24.13
CA PRO B 472 -11.66 -28.26 -24.39
C PRO B 472 -12.10 -28.49 -25.83
N ASP B 473 -12.29 -29.75 -26.19
CA ASP B 473 -12.82 -30.09 -27.51
C ASP B 473 -14.30 -29.71 -27.58
N MET B 474 -14.64 -28.77 -28.46
CA MET B 474 -16.03 -28.31 -28.56
C MET B 474 -16.81 -29.08 -29.62
N ILE B 475 -16.26 -30.22 -30.05
CA ILE B 475 -16.96 -31.07 -31.00
C ILE B 475 -17.27 -32.44 -30.39
N GLY B 476 -16.25 -33.10 -29.86
CA GLY B 476 -16.42 -34.41 -29.25
C GLY B 476 -16.08 -35.53 -30.23
N GLU B 477 -16.34 -36.76 -29.82
CA GLU B 477 -16.16 -37.91 -30.70
C GLU B 477 -17.20 -38.99 -30.39
PG ANP C . 6.10 1.31 3.77
O1G ANP C . 5.23 2.01 2.65
O2G ANP C . 5.44 1.54 5.20
O3G ANP C . 6.19 -0.16 3.48
PB ANP C . 7.64 3.46 4.59
O1B ANP C . 6.85 4.52 3.89
O2B ANP C . 7.07 3.24 6.01
N3B ANP C . 7.64 1.98 3.78
PA ANP C . 10.11 3.50 5.76
O1A ANP C . 9.37 2.40 6.54
O2A ANP C . 10.52 4.67 6.56
O3A ANP C . 9.13 3.96 4.63
O5' ANP C . 11.38 2.91 5.02
C5' ANP C . 11.61 3.08 3.60
C4' ANP C . 13.08 3.08 3.30
O4' ANP C . 13.54 4.43 3.09
C3' ANP C . 13.99 2.50 4.38
O3' ANP C . 15.12 1.82 3.85
C2' ANP C . 14.42 3.73 5.16
O2' ANP C . 15.69 3.54 5.79
C1' ANP C . 14.51 4.80 4.06
N9 ANP C . 14.20 6.13 4.55
C8 ANP C . 13.00 6.58 5.05
N7 ANP C . 13.02 7.84 5.44
C5 ANP C . 14.33 8.23 5.18
C6 ANP C . 15.00 9.45 5.38
N6 ANP C . 14.43 10.55 5.89
N1 ANP C . 16.30 9.53 5.01
C2 ANP C . 16.88 8.44 4.49
N3 ANP C . 16.35 7.24 4.27
C4 ANP C . 15.06 7.20 4.64
MG MG D . 5.68 2.05 7.26
PG ANP E . -5.17 -17.07 -20.45
O1G ANP E . -5.56 -15.55 -20.54
O2G ANP E . -4.91 -17.40 -18.93
O3G ANP E . -6.25 -17.93 -21.04
PB ANP E . -2.44 -16.75 -20.41
O1B ANP E . -2.61 -15.28 -20.26
O2B ANP E . -2.36 -17.39 -18.99
N3B ANP E . -3.73 -17.37 -21.28
PA ANP E . -0.52 -18.48 -21.42
O1A ANP E . -1.41 -19.45 -20.63
O2A ANP E . 0.90 -18.47 -21.00
O3A ANP E . -1.15 -17.02 -21.25
O5' ANP E . -0.57 -18.80 -22.97
C5' ANP E . -0.20 -17.84 -23.99
C4' ANP E . 0.67 -18.52 -25.02
O4' ANP E . 1.96 -17.87 -25.07
C3' ANP E . 0.97 -20.00 -24.75
O3' ANP E . 1.17 -20.72 -25.96
C2' ANP E . 2.26 -19.93 -23.95
O2' ANP E . 3.02 -21.13 -24.09
C1' ANP E . 2.98 -18.75 -24.62
N9 ANP E . 3.85 -18.01 -23.72
C8 ANP E . 3.58 -17.62 -22.44
N7 ANP E . 4.56 -16.98 -21.85
C5 ANP E . 5.56 -16.96 -22.82
C6 ANP E . 6.86 -16.42 -22.82
N6 ANP E . 7.41 -15.78 -21.79
N1 ANP E . 7.59 -16.56 -23.95
C2 ANP E . 7.05 -17.20 -25.00
N3 ANP E . 5.83 -17.75 -25.10
C4 ANP E . 5.14 -17.59 -23.97
MG MG F . -3.91 -18.79 -17.88
#